data_6GEL
#
_entry.id   6GEL
#
_cell.length_a   58.075
_cell.length_b   156.773
_cell.length_c   169.284
_cell.angle_alpha   90.000
_cell.angle_beta   90.000
_cell.angle_gamma   90.000
#
_symmetry.space_group_name_H-M   'P 21 21 21'
#
loop_
_entity.id
_entity.type
_entity.pdbx_description
1 polymer 'Green fluorescent protein,Optimized Ratiometric Calcium Sensor,Green fluorescent protein,Green fluorescent protein'
2 non-polymer 'CALCIUM ION'
3 non-polymer GLYCEROL
4 non-polymer 'TETRAETHYLENE GLYCOL'
5 non-polymer 'FORMIC ACID'
6 water water
#
_entity_poly.entity_id   1
_entity_poly.type   'polypeptide(L)'
_entity_poly.pdbx_seq_one_letter_code
;MVSKGEELFTGVVPILVELDGDVNGHKFSVSGEGEGDATYGKLTLKFICTTGKLPVPWPTLVTTL(CRF)VQCFARYPDH
MKQHDFFKSAMPEGYVQERTIFFKDDGNYKTRAEVKFEGDTLVNRIELKGIDFKEDGNILGHKLEYNAIHGNVYITADKQ
KNGIKANFGLNCNIEDGSVQLADHYQQNTPIGDGPVLLPDNHYLSTQSKLSKDPNEKRDHMVLLEFVTAARMQVADASEE
ELSECFRIFDFDGNGFIDREEFGDIIRLTGEQLTDEDVDEIFGDSDTDKNGRIDFDEFLKMVENVQPIYPELMGGVQLAD
HYQQNTPIGDGPVLLPDNHYLSYQSKLSKDPNEKRDHMVLLEFVTAAGITLGMDELYKGGTGGSMVSKGEELFTGVVPIL
VELDGDVNGHKFSVRGEGEGDATNGKLTLKLICTTGKLPVPWPTLVTTL(CR2)LMCFARYPDHMKQHDFFKSAMPEGYV
QERTIFFKDDGNYKTRAEVKFEGDTLVNRIELKGIDFKEDGNILGHKLEYNYNSHNVYITADKQKNGIKANFKIRHNIED
;
_entity_poly.pdbx_strand_id   A,B
#
loop_
_chem_comp.id
_chem_comp.type
_chem_comp.name
_chem_comp.formula
CA non-polymer 'CALCIUM ION' 'Ca 2'
FMT non-polymer 'FORMIC ACID' 'C H2 O2'
GOL non-polymer GLYCEROL 'C3 H8 O3'
PG4 non-polymer 'TETRAETHYLENE GLYCOL' 'C8 H18 O5'
#
# COMPACT_ATOMS: atom_id res chain seq x y z
N GLY A 5 31.62 18.02 46.93
CA GLY A 5 32.41 16.94 46.26
C GLY A 5 32.29 15.63 47.03
N GLU A 6 31.84 14.59 46.32
CA GLU A 6 31.68 13.18 46.82
C GLU A 6 30.90 12.34 45.77
N GLU A 7 31.64 11.88 44.75
CA GLU A 7 31.07 10.94 43.71
C GLU A 7 31.29 9.47 44.15
N LEU A 8 30.28 9.05 44.92
CA LEU A 8 29.91 7.65 45.15
C LEU A 8 29.43 6.98 43.84
N PHE A 9 29.46 7.67 42.71
CA PHE A 9 28.90 7.16 41.44
C PHE A 9 30.01 6.81 40.45
N THR A 10 31.25 6.70 40.93
CA THR A 10 32.44 6.39 40.08
C THR A 10 32.25 5.07 39.30
N GLY A 11 31.89 3.99 40.02
CA GLY A 11 31.48 2.72 39.46
C GLY A 11 29.98 2.47 39.58
N VAL A 12 29.61 1.19 39.61
CA VAL A 12 28.22 0.69 39.40
C VAL A 12 27.52 0.65 40.76
N VAL A 13 26.32 1.27 40.84
CA VAL A 13 25.55 1.37 42.14
C VAL A 13 24.19 0.68 42.02
N PRO A 14 23.87 -0.18 43.02
CA PRO A 14 22.57 -0.85 43.09
C PRO A 14 21.42 0.09 43.50
N ILE A 15 20.28 -0.06 42.84
CA ILE A 15 19.10 0.79 43.05
C ILE A 15 17.94 -0.02 43.63
N LEU A 16 17.25 0.61 44.60
CA LEU A 16 15.93 0.17 45.08
C LEU A 16 14.89 1.26 44.81
N VAL A 17 13.74 0.90 44.22
CA VAL A 17 12.61 1.81 44.03
C VAL A 17 11.33 1.27 44.69
N GLU A 18 10.65 2.12 45.46
CA GLU A 18 9.37 1.81 46.14
C GLU A 18 8.35 2.92 45.84
N LEU A 19 7.18 2.53 45.30
CA LEU A 19 6.14 3.49 44.95
C LEU A 19 4.84 3.00 45.58
N ASP A 20 4.17 3.90 46.30
CA ASP A 20 2.81 3.69 46.72
C ASP A 20 1.93 4.73 46.03
N GLY A 21 0.85 4.27 45.40
CA GLY A 21 0.11 5.12 44.51
C GLY A 21 -1.38 5.05 44.73
N ASP A 22 -2.09 6.12 44.39
CA ASP A 22 -3.57 6.17 44.42
C ASP A 22 -4.04 7.05 43.27
N VAL A 23 -4.63 6.46 42.23
CA VAL A 23 -5.13 7.24 41.08
C VAL A 23 -6.65 7.03 40.98
N ASN A 24 -7.41 8.09 41.24
CA ASN A 24 -8.89 8.12 41.28
C ASN A 24 -9.38 7.04 42.22
N GLY A 25 -8.72 6.87 43.36
CA GLY A 25 -9.14 5.85 44.33
C GLY A 25 -8.61 4.46 44.03
N HIS A 26 -7.96 4.21 42.90
CA HIS A 26 -7.39 2.90 42.53
C HIS A 26 -5.95 2.80 43.09
N LYS A 27 -5.78 2.03 44.18
CA LYS A 27 -4.49 2.05 44.88
C LYS A 27 -3.59 0.96 44.29
N PHE A 28 -2.28 1.22 44.35
CA PHE A 28 -1.34 0.23 43.90
C PHE A 28 0.03 0.48 44.50
N SER A 29 0.86 -0.56 44.41
CA SER A 29 2.23 -0.51 44.88
C SER A 29 3.16 -1.05 43.80
N VAL A 30 4.33 -0.44 43.68
CA VAL A 30 5.33 -0.91 42.75
C VAL A 30 6.64 -1.03 43.52
N SER A 31 7.37 -2.12 43.26
CA SER A 31 8.74 -2.24 43.77
C SER A 31 9.70 -2.47 42.59
N GLY A 32 10.86 -1.83 42.62
CA GLY A 32 11.87 -2.05 41.59
C GLY A 32 13.28 -2.20 42.13
N GLU A 33 14.10 -2.91 41.33
CA GLU A 33 15.51 -3.15 41.61
C GLU A 33 16.32 -3.04 40.32
N GLY A 34 17.62 -2.77 40.50
CA GLY A 34 18.59 -2.86 39.43
C GLY A 34 19.85 -2.05 39.74
N GLU A 35 20.41 -1.38 38.73
CA GLU A 35 21.74 -0.83 38.83
C GLU A 35 21.83 0.46 37.99
N GLY A 36 22.57 1.42 38.53
CA GLY A 36 22.96 2.62 37.80
C GLY A 36 24.46 2.75 37.63
N ASP A 37 24.85 3.14 36.42
CA ASP A 37 26.25 3.43 36.07
C ASP A 37 26.39 4.87 35.55
N ALA A 38 26.69 5.81 36.46
CA ALA A 38 26.73 7.26 36.13
C ALA A 38 27.75 7.61 35.04
N THR A 39 28.92 6.95 35.02
CA THR A 39 29.98 7.38 34.11
C THR A 39 29.59 7.08 32.64
N TYR A 40 28.75 6.07 32.37
CA TYR A 40 28.00 6.01 31.09
C TYR A 40 26.72 6.63 31.58
N GLY A 41 25.74 7.01 30.80
CA GLY A 41 24.53 7.44 31.61
C GLY A 41 23.48 6.33 31.78
N LYS A 42 23.80 5.20 32.42
CA LYS A 42 23.07 3.97 32.13
C LYS A 42 22.32 3.50 33.38
N LEU A 43 21.01 3.29 33.23
CA LEU A 43 20.20 2.63 34.26
C LEU A 43 19.56 1.34 33.70
N THR A 44 19.57 0.30 34.54
CA THR A 44 18.86 -0.93 34.22
C THR A 44 18.01 -1.30 35.44
N LEU A 45 16.69 -1.34 35.20
CA LEU A 45 15.73 -1.52 36.30
C LEU A 45 14.63 -2.48 35.85
N LYS A 46 14.21 -3.34 36.80
CA LYS A 46 12.98 -4.12 36.68
C LYS A 46 11.98 -3.63 37.76
N PHE A 47 10.75 -3.36 37.34
CA PHE A 47 9.71 -2.92 38.26
C PHE A 47 8.55 -3.91 38.27
N ILE A 48 8.09 -4.25 39.48
CA ILE A 48 6.98 -5.18 39.74
C ILE A 48 5.80 -4.42 40.34
N CYS A 49 4.60 -4.61 39.79
CA CYS A 49 3.39 -4.22 40.54
C CYS A 49 3.07 -5.33 41.56
N THR A 50 3.17 -5.02 42.86
CA THR A 50 3.02 -6.02 43.92
C THR A 50 1.55 -6.22 44.34
N THR A 51 0.64 -5.44 43.77
CA THR A 51 -0.75 -5.41 44.16
C THR A 51 -1.62 -5.99 43.03
N GLY A 52 -0.98 -6.66 42.06
CA GLY A 52 -1.66 -7.38 41.01
C GLY A 52 -1.57 -6.59 39.71
N LYS A 53 -2.71 -6.12 39.20
CA LYS A 53 -2.79 -5.43 37.98
C LYS A 53 -2.61 -3.94 38.26
N LEU A 54 -1.65 -3.34 37.53
CA LEU A 54 -1.38 -1.91 37.58
C LEU A 54 -2.56 -1.20 36.92
N PRO A 55 -3.25 -0.29 37.65
CA PRO A 55 -4.42 0.40 37.13
C PRO A 55 -4.13 1.59 36.20
N VAL A 56 -2.85 1.85 35.92
CA VAL A 56 -2.44 2.82 34.88
C VAL A 56 -1.37 2.21 33.99
N PRO A 57 -1.09 2.78 32.78
CA PRO A 57 -0.06 2.19 31.93
C PRO A 57 1.32 2.43 32.53
N TRP A 58 2.19 1.44 32.40
CA TRP A 58 3.56 1.53 32.85
C TRP A 58 4.26 2.79 32.37
N PRO A 59 4.14 3.17 31.09
CA PRO A 59 4.88 4.36 30.62
C PRO A 59 4.47 5.68 31.26
N THR A 60 3.30 5.73 31.93
CA THR A 60 2.92 6.96 32.63
C THR A 60 3.75 7.12 33.91
N LEU A 61 4.42 6.05 34.38
CA LEU A 61 5.07 6.02 35.67
C LEU A 61 6.59 6.02 35.51
N VAL A 62 7.09 5.89 34.27
CA VAL A 62 8.54 5.81 34.08
C VAL A 62 9.22 7.00 34.74
N THR A 63 8.74 8.22 34.52
CA THR A 63 9.42 9.39 35.03
C THR A 63 9.38 9.46 36.54
N THR A 64 8.30 8.98 37.16
CA THR A 64 8.19 8.96 38.59
C THR A 64 9.17 7.95 39.21
N LEU A 65 9.18 6.73 38.69
CA LEU A 65 10.02 5.61 39.16
C LEU A 65 11.49 5.91 38.86
N1 CRF A 66 11.96 6.30 37.58
CA1 CRF A 66 13.33 6.79 37.35
CB1 CRF A 66 14.12 5.91 36.38
CG1 CRF A 66 13.26 5.68 35.22
OG1 CRF A 66 15.34 6.47 35.89
C1 CRF A 66 13.27 8.21 36.89
N2 CRF A 66 13.17 8.58 35.56
N3 CRF A 66 13.23 9.29 37.79
C2 CRF A 66 13.15 10.37 37.01
O2 CRF A 66 13.10 11.59 37.38
CA2 CRF A 66 13.10 9.95 35.58
CA3 CRF A 66 13.25 9.24 39.22
C3 CRF A 66 14.58 9.21 39.93
O3 CRF A 66 14.59 9.51 41.16
CB2 CRF A 66 13.02 10.83 34.42
CG2 CRF A 66 12.90 10.30 33.08
CD1 CRF A 66 12.80 8.97 32.75
CD2 CRF A 66 12.52 11.14 31.95
CE2 CRF A 66 12.29 10.15 30.89
NE1 CRF A 66 12.46 8.93 31.42
CE3 CRF A 66 12.39 12.46 31.76
CZ2 CRF A 66 12.00 10.62 29.62
CZ3 CRF A 66 12.09 12.90 30.48
CH2 CRF A 66 11.93 12.02 29.39
N VAL A 67 15.56 9.01 39.22
CA VAL A 67 16.88 8.76 39.81
C VAL A 67 17.93 9.45 38.90
N GLN A 68 17.77 10.77 38.82
CA GLN A 68 18.48 11.62 37.87
C GLN A 68 19.95 11.81 38.29
N CYS A 69 20.29 11.36 39.50
CA CYS A 69 21.64 11.24 39.97
C CYS A 69 22.52 10.29 39.13
N PHE A 70 21.92 9.48 38.23
CA PHE A 70 22.69 8.62 37.37
C PHE A 70 22.94 9.26 36.00
N ALA A 71 22.64 10.55 35.85
CA ALA A 71 22.98 11.23 34.59
C ALA A 71 24.50 11.26 34.41
N ARG A 72 24.96 11.12 33.16
CA ARG A 72 26.36 11.41 32.79
C ARG A 72 26.51 12.91 32.57
N TYR A 73 27.23 13.57 33.47
CA TYR A 73 27.63 14.96 33.25
C TYR A 73 29.00 14.96 32.56
N PRO A 74 29.10 15.45 31.29
CA PRO A 74 30.40 15.64 30.65
C PRO A 74 31.35 16.48 31.52
N ASP A 75 32.62 16.47 31.16
CA ASP A 75 33.70 17.01 32.01
C ASP A 75 33.56 18.54 32.14
N HIS A 76 33.09 19.19 31.07
CA HIS A 76 32.84 20.63 31.06
C HIS A 76 31.60 21.02 31.87
N MET A 77 30.83 20.05 32.40
CA MET A 77 29.57 20.37 33.11
C MET A 77 29.53 19.81 34.52
N LYS A 78 30.63 19.25 35.03
CA LYS A 78 30.61 18.56 36.32
C LYS A 78 30.10 19.48 37.44
N GLN A 79 30.31 20.81 37.27
CA GLN A 79 29.96 21.81 38.29
C GLN A 79 28.46 22.13 38.22
N HIS A 80 27.71 21.47 37.31
CA HIS A 80 26.24 21.66 37.16
C HIS A 80 25.39 20.48 37.68
N ASP A 81 26.00 19.53 38.42
CA ASP A 81 25.34 18.28 38.82
C ASP A 81 24.87 18.39 40.27
N PHE A 82 23.68 18.94 40.42
CA PHE A 82 23.05 19.12 41.71
C PHE A 82 22.79 17.77 42.36
N PHE A 83 22.33 16.82 41.53
CA PHE A 83 21.79 15.53 41.97
C PHE A 83 22.83 14.76 42.78
N LYS A 84 24.03 14.58 42.20
CA LYS A 84 25.12 13.86 42.90
C LYS A 84 25.61 14.70 44.09
N SER A 85 25.61 16.03 43.94
CA SER A 85 26.14 16.87 44.99
C SER A 85 25.33 16.73 46.28
N ALA A 86 24.07 16.29 46.23
CA ALA A 86 23.25 16.21 47.48
C ALA A 86 23.41 14.87 48.19
N MET A 87 24.09 13.92 47.55
CA MET A 87 24.34 12.59 48.11
C MET A 87 25.51 12.65 49.11
N PRO A 88 25.46 11.88 50.20
CA PRO A 88 24.59 10.73 50.34
C PRO A 88 23.23 11.01 51.02
N GLU A 89 23.09 12.14 51.71
CA GLU A 89 21.84 12.42 52.43
C GLU A 89 20.66 12.52 51.45
N GLY A 90 20.90 13.06 50.25
CA GLY A 90 19.99 12.90 49.10
C GLY A 90 19.06 14.09 48.91
N TYR A 91 18.06 13.91 48.04
CA TYR A 91 17.13 15.00 47.72
C TYR A 91 15.66 14.54 47.75
N VAL A 92 14.79 15.52 47.99
CA VAL A 92 13.38 15.37 47.77
C VAL A 92 13.11 15.75 46.30
N GLN A 93 12.39 14.90 45.57
CA GLN A 93 11.93 15.24 44.21
C GLN A 93 10.39 15.32 44.25
N GLU A 94 9.84 16.50 43.94
CA GLU A 94 8.40 16.64 43.85
C GLU A 94 7.97 16.97 42.42
N ARG A 95 6.83 16.45 41.95
CA ARG A 95 6.35 16.82 40.64
C ARG A 95 4.84 16.98 40.62
N THR A 96 4.35 17.73 39.64
CA THR A 96 2.99 17.62 39.18
C THR A 96 3.02 17.26 37.70
N ILE A 97 2.23 16.27 37.30
CA ILE A 97 2.26 15.82 35.90
C ILE A 97 0.86 15.95 35.34
N PHE A 98 0.70 16.81 34.32
CA PHE A 98 -0.61 17.15 33.74
C PHE A 98 -0.77 16.38 32.45
N PHE A 99 -1.68 15.40 32.47
CA PHE A 99 -1.95 14.64 31.22
C PHE A 99 -2.94 15.48 30.42
N LYS A 100 -2.58 15.84 29.19
CA LYS A 100 -3.48 16.69 28.41
C LYS A 100 -4.84 15.98 28.21
N ASP A 101 -5.93 16.70 28.52
CA ASP A 101 -7.32 16.21 28.33
C ASP A 101 -7.62 15.02 29.25
N ASP A 102 -6.91 14.93 30.36
CA ASP A 102 -7.15 13.91 31.36
C ASP A 102 -6.75 14.51 32.72
N GLY A 103 -6.50 13.65 33.72
CA GLY A 103 -6.12 14.09 35.05
C GLY A 103 -4.64 14.39 35.20
N ASN A 104 -4.23 14.46 36.47
CA ASN A 104 -2.86 14.75 36.88
C ASN A 104 -2.42 13.85 38.05
N TYR A 105 -1.09 13.61 38.07
CA TYR A 105 -0.36 12.99 39.15
C TYR A 105 0.36 14.09 39.94
N LYS A 106 0.43 13.94 41.25
CA LYS A 106 1.34 14.67 42.11
C LYS A 106 2.21 13.65 42.86
N THR A 107 3.53 13.87 42.86
CA THR A 107 4.47 12.94 43.44
C THR A 107 5.43 13.65 44.41
N ARG A 108 5.82 12.92 45.45
CA ARG A 108 6.90 13.31 46.34
C ARG A 108 7.77 12.07 46.57
N ALA A 109 9.06 12.22 46.36
CA ALA A 109 9.98 11.13 46.54
C ALA A 109 11.21 11.60 47.32
N GLU A 110 11.81 10.69 48.08
CA GLU A 110 13.12 10.87 48.66
C GLU A 110 14.08 9.93 47.95
N VAL A 111 15.15 10.49 47.40
CA VAL A 111 16.20 9.72 46.77
C VAL A 111 17.45 9.88 47.62
N LYS A 112 17.95 8.76 48.16
CA LYS A 112 19.09 8.78 49.06
C LYS A 112 19.74 7.40 49.16
N PHE A 113 20.91 7.37 49.80
CA PHE A 113 21.63 6.15 50.09
C PHE A 113 21.12 5.53 51.40
N GLU A 114 20.88 4.23 51.37
CA GLU A 114 20.81 3.39 52.59
C GLU A 114 21.88 2.31 52.43
N GLY A 115 22.92 2.40 53.25
CA GLY A 115 24.11 1.59 53.01
C GLY A 115 24.72 1.94 51.66
N ASP A 116 25.06 0.94 50.87
CA ASP A 116 25.68 1.18 49.56
C ASP A 116 24.65 1.11 48.41
N THR A 117 23.35 1.15 48.73
CA THR A 117 22.23 1.08 47.74
C THR A 117 21.51 2.45 47.63
N LEU A 118 21.30 2.90 46.39
CA LEU A 118 20.56 4.12 46.13
C LEU A 118 19.06 3.81 46.03
N VAL A 119 18.30 4.50 46.87
CA VAL A 119 16.88 4.20 47.06
C VAL A 119 15.98 5.38 46.68
N ASN A 120 14.98 5.12 45.85
CA ASN A 120 13.92 6.09 45.47
C ASN A 120 12.58 5.66 46.12
N ARG A 121 12.09 6.42 47.10
CA ARG A 121 10.77 6.12 47.76
C ARG A 121 9.76 7.21 47.44
N ILE A 122 8.57 6.83 46.95
CA ILE A 122 7.65 7.74 46.30
C ILE A 122 6.23 7.56 46.83
N GLU A 123 5.55 8.68 47.13
CA GLU A 123 4.06 8.67 47.15
C GLU A 123 3.53 9.41 45.91
N LEU A 124 2.53 8.84 45.28
CA LEU A 124 1.91 9.40 44.07
C LEU A 124 0.39 9.47 44.27
N LYS A 125 -0.19 10.64 44.01
CA LYS A 125 -1.64 10.82 44.10
C LYS A 125 -2.12 11.31 42.73
N GLY A 126 -3.06 10.56 42.13
CA GLY A 126 -3.70 10.99 40.87
C GLY A 126 -5.15 11.35 41.06
N ILE A 127 -5.61 12.45 40.46
CA ILE A 127 -7.03 12.84 40.53
C ILE A 127 -7.52 13.27 39.15
N ASP A 128 -8.86 13.30 39.03
CA ASP A 128 -9.67 13.81 37.94
C ASP A 128 -9.36 13.09 36.63
N PHE A 129 -9.01 11.80 36.69
CA PHE A 129 -8.86 11.03 35.47
C PHE A 129 -10.25 10.60 35.00
N LYS A 130 -10.34 10.34 33.70
CA LYS A 130 -11.47 9.70 33.06
C LYS A 130 -11.31 8.20 33.17
N GLU A 131 -12.37 7.52 33.62
CA GLU A 131 -12.28 6.07 33.83
C GLU A 131 -12.03 5.37 32.48
N ASP A 132 -12.49 5.93 31.35
CA ASP A 132 -12.09 5.34 30.07
C ASP A 132 -11.36 6.33 29.17
N GLY A 133 -10.43 7.08 29.77
CA GLY A 133 -9.46 7.82 29.01
C GLY A 133 -8.26 6.95 28.70
N ASN A 134 -7.18 7.57 28.26
CA ASN A 134 -6.08 6.80 27.77
C ASN A 134 -5.28 6.19 28.91
N ILE A 135 -5.39 6.74 30.14
CA ILE A 135 -4.64 6.25 31.27
C ILE A 135 -5.44 5.14 31.95
N LEU A 136 -6.63 5.43 32.51
CA LEU A 136 -7.27 4.36 33.25
C LEU A 136 -7.85 3.28 32.32
N GLY A 137 -8.04 3.59 31.02
CA GLY A 137 -8.48 2.67 30.02
C GLY A 137 -7.34 1.90 29.33
N HIS A 138 -6.08 2.16 29.72
CA HIS A 138 -4.91 1.42 29.15
C HIS A 138 -4.84 1.52 27.61
N LYS A 139 -4.77 2.73 27.09
CA LYS A 139 -4.78 2.95 25.66
C LYS A 139 -3.43 3.53 25.20
N LEU A 140 -2.35 3.24 25.93
CA LEU A 140 -1.00 3.73 25.55
C LEU A 140 -0.15 2.53 25.14
N GLU A 141 0.71 2.73 24.18
CA GLU A 141 1.59 1.71 23.73
C GLU A 141 2.67 1.52 24.77
N TYR A 142 3.26 0.36 24.75
CA TYR A 142 4.31 0.02 25.63
C TYR A 142 5.60 0.04 24.81
N ASN A 143 6.20 1.22 24.64
CA ASN A 143 7.36 1.41 23.67
C ASN A 143 8.72 1.82 24.28
N ALA A 144 8.82 3.12 24.43
CA ALA A 144 10.05 3.89 24.56
C ALA A 144 9.54 5.31 24.73
N ILE A 145 10.15 6.02 25.67
CA ILE A 145 9.87 7.47 25.77
C ILE A 145 11.21 8.21 25.78
N HIS A 146 11.16 9.46 25.37
CA HIS A 146 12.34 10.29 25.31
C HIS A 146 11.96 11.75 25.47
N GLY A 147 12.93 12.52 26.00
CA GLY A 147 12.73 13.95 26.12
C GLY A 147 13.93 14.63 26.73
N ASN A 148 13.78 15.93 26.84
CA ASN A 148 14.81 16.76 27.44
C ASN A 148 14.22 17.38 28.68
N VAL A 149 14.94 17.25 29.78
CA VAL A 149 14.52 17.77 31.04
C VAL A 149 15.24 19.08 31.31
N TYR A 150 14.52 20.19 31.23
CA TYR A 150 15.18 21.54 31.34
C TYR A 150 15.29 21.94 32.80
N ILE A 151 16.53 22.09 33.26
CA ILE A 151 16.86 22.38 34.63
C ILE A 151 17.29 23.84 34.80
N THR A 152 16.71 24.51 35.82
CA THR A 152 17.16 25.83 36.20
C THR A 152 17.35 25.84 37.71
N ALA A 153 18.20 26.74 38.19
CA ALA A 153 18.50 26.87 39.63
C ALA A 153 17.29 27.44 40.36
N ASP A 154 17.12 27.04 41.61
CA ASP A 154 16.11 27.61 42.52
C ASP A 154 16.85 28.00 43.80
N LYS A 155 17.49 29.18 43.75
CA LYS A 155 18.46 29.60 44.73
C LYS A 155 17.79 29.67 46.11
N GLN A 156 16.49 30.04 46.14
CA GLN A 156 15.77 30.34 47.39
C GLN A 156 15.50 29.06 48.17
N LYS A 157 15.52 27.90 47.49
CA LYS A 157 15.33 26.62 48.19
C LYS A 157 16.61 25.78 48.17
N ASN A 158 17.69 26.33 47.59
CA ASN A 158 18.98 25.63 47.51
C ASN A 158 18.83 24.37 46.66
N GLY A 159 18.12 24.52 45.54
CA GLY A 159 17.75 23.38 44.74
C GLY A 159 17.64 23.73 43.28
N ILE A 160 16.85 22.92 42.60
CA ILE A 160 16.59 23.12 41.15
C ILE A 160 15.11 22.97 40.89
N LYS A 161 14.69 23.55 39.79
CA LYS A 161 13.40 23.31 39.17
C LYS A 161 13.64 22.70 37.79
N ALA A 162 12.63 22.01 37.29
CA ALA A 162 12.73 21.46 35.98
C ALA A 162 11.35 21.40 35.37
N ASN A 163 11.33 21.48 34.05
CA ASN A 163 10.09 21.40 33.34
C ASN A 163 10.34 20.70 32.00
N PHE A 164 9.33 19.98 31.53
CA PHE A 164 9.42 19.31 30.27
C PHE A 164 8.05 18.72 29.94
N GLY A 165 7.82 18.53 28.63
CA GLY A 165 6.68 17.88 28.09
C GLY A 165 7.12 16.52 27.62
N LEU A 166 6.46 15.47 28.09
CA LEU A 166 6.78 14.13 27.63
C LEU A 166 5.60 13.61 26.78
N ASN A 167 5.96 13.11 25.60
CA ASN A 167 5.00 12.41 24.71
C ASN A 167 5.09 10.89 24.84
N CYS A 168 3.95 10.24 24.97
CA CYS A 168 3.83 8.75 24.79
C CYS A 168 2.80 8.45 23.68
N ASN A 169 3.13 7.43 22.90
CA ASN A 169 2.25 6.97 21.85
C ASN A 169 0.94 6.40 22.39
N ILE A 170 -0.17 6.89 21.86
CA ILE A 170 -1.53 6.26 22.04
C ILE A 170 -1.68 5.08 21.04
N GLU A 171 -2.47 4.05 21.37
CA GLU A 171 -2.56 2.79 20.52
C GLU A 171 -3.08 3.09 19.09
N ASP A 172 -3.85 4.17 18.93
CA ASP A 172 -4.40 4.57 17.62
C ASP A 172 -3.38 5.33 16.73
N GLY A 173 -2.10 5.48 17.13
CA GLY A 173 -1.01 6.11 16.33
C GLY A 173 -0.82 7.57 16.69
N SER A 174 -1.81 8.13 17.40
CA SER A 174 -1.72 9.51 17.95
C SER A 174 -0.85 9.51 19.22
N VAL A 175 -0.69 10.69 19.84
CA VAL A 175 0.40 11.06 20.80
C VAL A 175 -0.23 11.73 22.02
N GLN A 176 0.11 11.21 23.23
CA GLN A 176 -0.39 11.72 24.56
C GLN A 176 0.70 12.54 25.24
N LEU A 177 0.31 13.76 25.60
CA LEU A 177 1.21 14.73 26.23
C LEU A 177 1.06 14.64 27.77
N ALA A 178 2.20 14.55 28.44
CA ALA A 178 2.26 14.68 29.93
C ALA A 178 3.19 15.83 30.32
N ASP A 179 2.62 16.93 30.79
CA ASP A 179 3.40 18.11 31.18
C ASP A 179 4.00 17.99 32.58
N HIS A 180 5.33 17.92 32.67
CA HIS A 180 6.03 17.76 33.96
C HIS A 180 6.52 19.09 34.53
N TYR A 181 6.09 19.38 35.77
CA TYR A 181 6.67 20.47 36.64
C TYR A 181 7.43 19.81 37.80
N GLN A 182 8.73 20.04 37.91
CA GLN A 182 9.56 19.35 38.88
C GLN A 182 10.26 20.36 39.81
N GLN A 183 10.53 19.89 41.03
CA GLN A 183 11.29 20.62 42.09
C GLN A 183 12.21 19.65 42.80
N ASN A 184 13.46 20.01 43.05
CA ASN A 184 14.34 19.20 43.93
C ASN A 184 14.88 20.10 45.03
N THR A 185 14.93 19.58 46.25
CA THR A 185 15.58 20.24 47.36
C THR A 185 16.38 19.20 48.13
N PRO A 186 17.55 19.58 48.70
CA PRO A 186 18.38 18.64 49.45
C PRO A 186 17.74 18.30 50.79
N ILE A 187 18.00 17.11 51.29
CA ILE A 187 17.46 16.70 52.57
C ILE A 187 18.30 17.29 53.70
N GLY A 188 19.64 17.16 53.59
CA GLY A 188 20.65 17.65 54.55
C GLY A 188 21.07 19.09 54.28
N ASP A 189 21.94 19.62 55.14
CA ASP A 189 22.31 21.08 55.27
C ASP A 189 23.55 21.43 54.44
N GLY A 190 24.33 20.43 54.01
CA GLY A 190 25.67 20.62 53.42
C GLY A 190 25.65 21.37 52.10
N PRO A 191 26.78 21.92 51.61
CA PRO A 191 26.80 22.67 50.35
C PRO A 191 26.31 21.80 49.17
N VAL A 192 25.72 22.42 48.14
CA VAL A 192 25.28 21.73 46.94
C VAL A 192 25.61 22.58 45.73
N LEU A 193 25.80 21.94 44.58
CA LEU A 193 26.00 22.63 43.33
C LEU A 193 24.66 23.18 42.79
N LEU A 194 24.60 24.49 42.58
CA LEU A 194 23.55 25.21 41.85
C LEU A 194 24.02 25.50 40.43
N PRO A 195 23.24 25.00 39.43
CA PRO A 195 23.68 25.06 38.05
C PRO A 195 23.16 26.19 37.18
N ASP A 196 23.95 26.44 36.16
CA ASP A 196 23.47 27.19 35.04
C ASP A 196 22.37 26.40 34.33
N ASN A 197 21.60 27.08 33.49
CA ASN A 197 20.52 26.44 32.80
C ASN A 197 21.04 25.36 31.87
N HIS A 198 20.39 24.18 31.92
CA HIS A 198 20.84 23.04 31.20
C HIS A 198 19.70 22.04 31.06
N TYR A 199 20.00 20.89 30.48
CA TYR A 199 18.99 19.89 30.31
C TYR A 199 19.61 18.49 30.35
N LEU A 200 18.77 17.52 30.72
CA LEU A 200 19.13 16.12 30.65
C LEU A 200 18.46 15.52 29.42
N SER A 201 19.27 15.02 28.48
CA SER A 201 18.81 14.26 27.30
C SER A 201 18.49 12.83 27.74
N THR A 202 17.22 12.44 27.66
CA THR A 202 16.83 11.21 28.30
C THR A 202 16.13 10.30 27.30
N GLN A 203 16.65 9.07 27.20
CA GLN A 203 15.97 8.01 26.37
C GLN A 203 15.65 6.81 27.27
N SER A 204 14.38 6.40 27.25
CA SER A 204 13.91 5.25 28.00
C SER A 204 13.37 4.17 27.04
N LYS A 205 13.89 2.97 27.21
CA LYS A 205 13.47 1.76 26.49
C LYS A 205 12.74 0.79 27.41
N LEU A 206 11.52 0.42 27.01
CA LEU A 206 10.62 -0.43 27.86
C LEU A 206 10.50 -1.81 27.25
N SER A 207 10.66 -2.86 28.05
CA SER A 207 10.44 -4.21 27.52
C SER A 207 9.85 -5.15 28.59
N LYS A 208 9.68 -6.44 28.21
CA LYS A 208 9.21 -7.51 29.14
C LYS A 208 10.33 -8.55 29.35
N ASP A 209 10.23 -9.23 30.50
CA ASP A 209 10.93 -10.49 30.82
C ASP A 209 10.00 -11.67 30.51
N PRO A 210 10.27 -12.46 29.44
CA PRO A 210 9.65 -13.78 29.25
C PRO A 210 9.40 -14.68 30.48
N ASN A 211 10.26 -14.63 31.52
CA ASN A 211 10.16 -15.50 32.73
C ASN A 211 9.45 -14.81 33.92
N GLU A 212 8.67 -13.74 33.68
CA GLU A 212 7.96 -13.02 34.78
C GLU A 212 6.44 -13.01 34.52
N LYS A 213 5.73 -13.62 35.48
CA LYS A 213 4.28 -13.76 35.45
C LYS A 213 3.58 -12.46 35.87
N ARG A 214 4.08 -11.77 36.90
CA ARG A 214 3.44 -10.53 37.39
C ARG A 214 3.51 -9.41 36.33
N ASP A 215 2.58 -8.46 36.50
CA ASP A 215 2.54 -7.19 35.76
C ASP A 215 3.84 -6.43 36.16
N HIS A 216 4.59 -5.99 35.14
CA HIS A 216 5.98 -5.62 35.33
C HIS A 216 6.53 -4.81 34.14
N MET A 217 7.72 -4.24 34.31
CA MET A 217 8.40 -3.41 33.26
C MET A 217 9.92 -3.62 33.39
N VAL A 218 10.59 -3.94 32.27
CA VAL A 218 12.08 -3.84 32.29
C VAL A 218 12.40 -2.55 31.56
N LEU A 219 13.35 -1.85 32.17
CA LEU A 219 13.74 -0.52 31.75
C LEU A 219 15.26 -0.45 31.57
N LEU A 220 15.57 0.06 30.39
CA LEU A 220 16.88 0.50 30.01
C LEU A 220 16.76 1.96 29.67
N GLU A 221 17.63 2.76 30.30
CA GLU A 221 17.50 4.20 30.20
C GLU A 221 18.90 4.80 30.12
N PHE A 222 19.00 5.77 29.22
CA PHE A 222 20.19 6.67 29.14
C PHE A 222 19.77 8.11 29.47
N VAL A 223 20.59 8.73 30.29
CA VAL A 223 20.46 10.13 30.69
C VAL A 223 21.79 10.83 30.50
N THR A 224 21.80 11.86 29.66
CA THR A 224 23.02 12.66 29.44
C THR A 224 22.74 14.15 29.70
N ALA A 225 23.56 14.76 30.56
CA ALA A 225 23.50 16.24 30.70
C ALA A 225 24.09 16.95 29.48
N ALA A 226 23.44 18.04 29.05
CA ALA A 226 23.90 18.84 27.96
C ALA A 226 23.51 20.31 28.21
N ARG A 227 24.20 21.22 27.50
CA ARG A 227 23.89 22.61 27.52
C ARG A 227 24.17 23.14 26.13
N MET A 228 23.11 23.69 25.51
CA MET A 228 23.19 24.30 24.24
C MET A 228 24.16 25.51 24.30
N GLN A 229 25.17 25.47 23.42
CA GLN A 229 26.13 26.62 23.13
C GLN A 229 26.12 26.87 21.62
N VAL A 230 25.98 28.12 21.19
CA VAL A 230 25.90 28.40 19.73
C VAL A 230 27.18 27.96 19.01
N ALA A 231 28.32 27.99 19.69
CA ALA A 231 29.62 27.60 19.12
C ALA A 231 29.65 26.14 18.65
N ASP A 232 28.67 25.33 19.03
CA ASP A 232 28.61 23.90 18.71
C ASP A 232 27.71 23.61 17.49
N ALA A 233 27.16 24.67 16.87
CA ALA A 233 26.28 24.54 15.71
C ALA A 233 26.91 25.29 14.53
N SER A 234 26.51 24.89 13.31
CA SER A 234 27.05 25.44 12.09
C SER A 234 26.32 26.73 11.80
N GLU A 235 26.91 27.59 10.97
CA GLU A 235 26.22 28.79 10.58
C GLU A 235 24.89 28.39 9.94
N GLU A 236 24.90 27.27 9.22
CA GLU A 236 23.72 26.81 8.49
C GLU A 236 22.61 26.42 9.52
N GLU A 237 22.97 25.64 10.55
CA GLU A 237 22.00 25.24 11.53
C GLU A 237 21.40 26.48 12.22
N LEU A 238 22.24 27.47 12.57
CA LEU A 238 21.73 28.63 13.33
C LEU A 238 20.86 29.48 12.42
N SER A 239 21.23 29.58 11.14
CA SER A 239 20.41 30.31 10.16
C SER A 239 19.03 29.68 10.06
N GLU A 240 19.01 28.36 9.95
CA GLU A 240 17.74 27.62 9.84
C GLU A 240 16.86 27.93 11.08
N CYS A 241 17.47 27.86 12.28
CA CYS A 241 16.71 28.03 13.49
C CYS A 241 16.07 29.41 13.53
N PHE A 242 16.86 30.42 13.16
CA PHE A 242 16.39 31.75 13.11
C PHE A 242 15.20 31.85 12.15
N ARG A 243 15.23 31.09 11.05
CA ARG A 243 14.17 31.26 9.96
C ARG A 243 12.85 30.62 10.35
N ILE A 244 12.89 29.59 11.18
CA ILE A 244 11.68 29.10 11.85
C ILE A 244 10.99 30.25 12.60
N PHE A 245 11.74 31.03 13.35
CA PHE A 245 11.14 32.15 14.08
C PHE A 245 10.69 33.20 13.07
N ASP A 246 11.56 33.59 12.13
CA ASP A 246 11.32 34.70 11.20
C ASP A 246 10.43 34.27 10.02
N PHE A 247 9.17 33.91 10.28
CA PHE A 247 8.46 33.16 9.24
C PHE A 247 7.86 34.12 8.20
N ASP A 248 7.87 35.43 8.44
CA ASP A 248 7.46 36.35 7.36
C ASP A 248 8.64 36.73 6.46
N GLY A 249 9.85 36.24 6.78
CA GLY A 249 11.00 36.32 5.85
C GLY A 249 11.63 37.71 5.78
N ASN A 250 11.36 38.64 6.73
CA ASN A 250 11.87 39.99 6.64
C ASN A 250 13.25 40.13 7.31
N GLY A 251 13.79 39.06 7.88
CA GLY A 251 15.14 39.20 8.45
C GLY A 251 15.20 39.50 9.95
N PHE A 252 14.08 39.85 10.61
CA PHE A 252 13.98 40.13 12.02
C PHE A 252 12.80 39.32 12.62
N ILE A 253 12.88 38.99 13.93
CA ILE A 253 11.80 38.36 14.67
C ILE A 253 10.98 39.41 15.43
N ASP A 254 9.70 39.53 15.09
CA ASP A 254 8.84 40.46 15.85
C ASP A 254 8.08 39.72 16.97
N ARG A 255 7.28 40.49 17.75
CA ARG A 255 6.60 39.97 18.89
C ARG A 255 5.54 38.94 18.49
N GLU A 256 4.82 39.15 17.38
CA GLU A 256 3.77 38.21 17.00
C GLU A 256 4.45 36.89 16.60
N GLU A 257 5.60 37.00 15.92
CA GLU A 257 6.27 35.78 15.44
C GLU A 257 6.76 34.97 16.64
N PHE A 258 7.36 35.65 17.60
CA PHE A 258 8.02 35.02 18.72
C PHE A 258 6.97 34.29 19.58
N GLY A 259 5.83 34.95 19.79
CA GLY A 259 4.65 34.42 20.37
C GLY A 259 4.32 33.02 19.91
N ASP A 260 4.12 32.86 18.60
CA ASP A 260 3.70 31.60 18.02
C ASP A 260 4.83 30.59 18.12
N ILE A 261 6.08 30.97 17.83
CA ILE A 261 7.13 29.97 17.61
C ILE A 261 7.73 29.50 18.94
N ILE A 262 7.84 30.38 19.94
CA ILE A 262 8.31 29.96 21.30
C ILE A 262 7.34 28.93 21.86
N ARG A 263 6.06 29.06 21.52
CA ARG A 263 5.05 28.10 22.12
C ARG A 263 5.19 26.72 21.46
N LEU A 264 6.10 26.54 20.48
CA LEU A 264 6.41 25.18 20.01
C LEU A 264 7.51 24.53 20.85
N THR A 265 8.09 25.18 21.86
CA THR A 265 9.16 24.52 22.54
C THR A 265 8.64 23.78 23.74
N GLY A 266 7.32 23.86 23.99
CA GLY A 266 6.69 23.40 25.22
C GLY A 266 5.44 24.22 25.52
N GLU A 267 4.53 23.62 26.32
CA GLU A 267 3.16 24.12 26.46
C GLU A 267 3.01 24.97 27.71
N GLN A 268 4.15 25.31 28.33
CA GLN A 268 4.19 25.73 29.72
C GLN A 268 4.34 27.26 29.86
N LEU A 269 4.14 28.06 28.80
CA LEU A 269 4.42 29.53 28.89
C LEU A 269 3.14 30.37 28.85
N THR A 270 3.09 31.37 29.71
CA THR A 270 1.96 32.29 29.77
C THR A 270 2.32 33.45 28.87
N ASP A 271 1.35 34.32 28.59
CA ASP A 271 1.55 35.54 27.78
C ASP A 271 2.65 36.43 28.39
N GLU A 272 2.74 36.42 29.74
CA GLU A 272 3.68 37.23 30.51
C GLU A 272 5.10 36.64 30.46
N ASP A 273 5.20 35.30 30.57
CA ASP A 273 6.49 34.64 30.39
C ASP A 273 7.04 35.05 29.02
N VAL A 274 6.14 35.05 28.03
CA VAL A 274 6.51 35.33 26.67
C VAL A 274 6.97 36.80 26.53
N ASP A 275 6.20 37.76 27.06
CA ASP A 275 6.64 39.20 27.10
C ASP A 275 8.00 39.35 27.77
N GLU A 276 8.24 38.59 28.83
CA GLU A 276 9.48 38.68 29.63
C GLU A 276 10.67 38.19 28.79
N ILE A 277 10.56 37.01 28.15
CA ILE A 277 11.68 36.50 27.37
C ILE A 277 11.94 37.42 26.16
N PHE A 278 10.87 37.93 25.55
CA PHE A 278 11.02 38.83 24.38
C PHE A 278 11.76 40.10 24.81
N GLY A 279 11.27 40.73 25.90
CA GLY A 279 11.92 41.90 26.49
C GLY A 279 13.37 41.64 26.86
N ASP A 280 13.67 40.48 27.44
CA ASP A 280 15.07 40.20 27.83
C ASP A 280 15.98 39.94 26.62
N SER A 281 15.41 39.46 25.52
CA SER A 281 16.17 39.06 24.33
C SER A 281 16.42 40.28 23.43
N ASP A 282 15.48 41.24 23.48
CA ASP A 282 15.56 42.44 22.63
C ASP A 282 16.44 43.48 23.36
N THR A 283 17.77 43.28 23.31
CA THR A 283 18.66 43.97 24.21
C THR A 283 18.65 45.47 23.91
N ASP A 284 18.45 45.89 22.66
CA ASP A 284 18.39 47.36 22.34
C ASP A 284 16.96 47.92 22.29
N LYS A 285 15.91 47.15 22.65
CA LYS A 285 14.52 47.66 22.85
C LYS A 285 13.89 48.25 21.57
N ASN A 286 14.24 47.73 20.40
CA ASN A 286 13.70 48.22 19.09
C ASN A 286 12.45 47.43 18.63
N GLY A 287 11.91 46.53 19.47
CA GLY A 287 10.68 45.78 19.15
C GLY A 287 10.88 44.58 18.22
N ARG A 288 12.13 44.35 17.78
CA ARG A 288 12.47 43.17 17.00
C ARG A 288 13.78 42.51 17.48
N ILE A 289 13.90 41.21 17.22
CA ILE A 289 15.10 40.47 17.61
C ILE A 289 15.96 40.22 16.38
N ASP A 290 17.17 40.77 16.40
CA ASP A 290 18.04 40.69 15.22
C ASP A 290 18.73 39.35 15.36
N PHE A 291 19.62 39.01 14.45
CA PHE A 291 20.30 37.74 14.47
C PHE A 291 21.20 37.62 15.71
N ASP A 292 22.04 38.61 15.99
CA ASP A 292 22.96 38.54 17.21
C ASP A 292 22.19 38.36 18.55
N GLU A 293 21.07 39.08 18.68
CA GLU A 293 20.17 39.00 19.82
C GLU A 293 19.57 37.60 19.87
N PHE A 294 19.29 37.00 18.71
CA PHE A 294 18.80 35.66 18.66
C PHE A 294 19.87 34.68 19.12
N LEU A 295 21.12 34.88 18.73
CA LEU A 295 22.16 33.96 19.17
C LEU A 295 22.22 33.90 20.70
N LYS A 296 22.22 35.04 21.40
CA LYS A 296 22.27 35.01 22.84
C LYS A 296 20.96 34.41 23.43
N MET A 297 19.81 34.67 22.83
CA MET A 297 18.55 34.14 23.30
C MET A 297 18.53 32.60 23.22
N VAL A 298 19.19 32.01 22.22
CA VAL A 298 19.37 30.52 22.12
C VAL A 298 20.14 29.95 23.32
N GLU A 299 21.14 30.65 23.83
CA GLU A 299 21.87 30.15 25.03
C GLU A 299 21.07 30.42 26.30
N ASN A 300 20.36 31.54 26.37
CA ASN A 300 19.59 31.93 27.54
C ASN A 300 18.35 31.08 27.74
N VAL A 301 17.74 30.65 26.66
CA VAL A 301 16.51 29.89 26.72
C VAL A 301 16.79 28.54 26.07
N GLN A 302 17.21 27.61 26.94
CA GLN A 302 17.82 26.36 26.53
C GLN A 302 16.89 25.55 25.63
N PRO A 303 15.56 25.59 25.78
CA PRO A 303 14.73 24.79 24.89
C PRO A 303 14.70 25.18 23.41
N ILE A 304 15.21 26.35 22.99
CA ILE A 304 14.91 26.84 21.64
C ILE A 304 15.47 25.90 20.55
N TYR A 305 16.77 25.64 20.56
CA TYR A 305 17.38 24.89 19.54
C TYR A 305 17.04 23.41 19.67
N PRO A 306 17.27 22.74 20.83
CA PRO A 306 16.94 21.32 20.93
C PRO A 306 15.49 21.01 20.55
N GLU A 307 14.55 21.88 20.92
CA GLU A 307 13.14 21.59 20.64
C GLU A 307 12.77 21.94 19.20
N LEU A 308 13.26 23.03 18.62
CA LEU A 308 12.90 23.40 17.21
C LEU A 308 13.67 22.57 16.17
N MET A 309 14.96 22.33 16.38
CA MET A 309 15.87 21.76 15.42
C MET A 309 16.46 20.40 15.83
N GLY A 310 16.40 20.01 17.11
CA GLY A 310 17.04 18.72 17.53
C GLY A 310 16.24 17.52 17.09
N GLY A 311 16.90 16.54 16.44
CA GLY A 311 16.19 15.39 15.87
C GLY A 311 15.03 15.77 14.91
N VAL A 312 15.31 16.72 14.01
CA VAL A 312 14.29 17.29 13.08
C VAL A 312 14.88 17.25 11.67
N GLN A 313 14.03 16.80 10.72
CA GLN A 313 14.28 16.81 9.26
C GLN A 313 13.45 17.96 8.76
N LEU A 314 14.13 18.99 8.27
CA LEU A 314 13.46 20.13 7.70
C LEU A 314 13.01 19.83 6.25
N ALA A 315 11.83 20.38 5.92
CA ALA A 315 11.28 20.34 4.60
C ALA A 315 10.80 21.73 4.20
N ASP A 316 11.58 22.35 3.32
CA ASP A 316 11.38 23.70 2.85
C ASP A 316 10.35 23.70 1.71
N HIS A 317 9.18 24.31 1.95
CA HIS A 317 8.09 24.37 0.99
C HIS A 317 8.06 25.73 0.28
N TYR A 318 8.02 25.69 -1.05
CA TYR A 318 7.77 26.85 -1.94
C TYR A 318 6.49 26.57 -2.75
N GLN A 319 5.46 27.40 -2.62
CA GLN A 319 4.14 27.10 -3.06
C GLN A 319 3.60 28.27 -3.89
N GLN A 320 2.70 27.92 -4.79
CA GLN A 320 2.05 28.88 -5.73
C GLN A 320 0.64 28.43 -6.09
N ASN A 321 -0.33 29.34 -5.98
CA ASN A 321 -1.69 29.03 -6.30
C ASN A 321 -2.18 30.00 -7.38
N THR A 322 -2.88 29.44 -8.36
CA THR A 322 -3.41 30.19 -9.51
C THR A 322 -4.87 29.79 -9.70
N PRO A 323 -5.80 30.71 -10.05
CA PRO A 323 -7.16 30.30 -10.37
C PRO A 323 -7.26 29.44 -11.65
N ILE A 324 -8.17 28.47 -11.69
CA ILE A 324 -8.44 27.71 -12.93
C ILE A 324 -9.36 28.50 -13.87
N GLY A 325 -10.44 29.09 -13.34
CA GLY A 325 -11.37 29.96 -14.08
C GLY A 325 -10.87 31.40 -14.26
N ASP A 326 -11.54 32.13 -15.15
CA ASP A 326 -11.20 33.51 -15.53
C ASP A 326 -11.94 34.52 -14.62
N GLY A 327 -12.66 34.04 -13.57
CA GLY A 327 -13.58 34.87 -12.79
C GLY A 327 -12.80 35.74 -11.82
N PRO A 328 -13.38 36.78 -11.21
CA PRO A 328 -12.64 37.58 -10.23
C PRO A 328 -12.32 36.78 -8.95
N VAL A 329 -11.13 37.05 -8.39
CA VAL A 329 -10.66 36.42 -7.17
C VAL A 329 -10.22 37.49 -6.19
N LEU A 330 -9.97 37.10 -4.96
CA LEU A 330 -9.45 37.96 -3.92
C LEU A 330 -7.95 37.72 -3.78
N LEU A 331 -7.15 38.77 -4.01
CA LEU A 331 -5.71 38.75 -3.82
C LEU A 331 -5.43 39.39 -2.48
N PRO A 332 -4.86 38.65 -1.53
CA PRO A 332 -4.88 39.07 -0.15
C PRO A 332 -3.71 39.97 0.17
N ASP A 333 -3.87 40.65 1.30
CA ASP A 333 -2.80 41.25 2.00
C ASP A 333 -2.02 40.15 2.69
N ASN A 334 -0.80 40.48 3.10
CA ASN A 334 0.03 39.50 3.75
C ASN A 334 -0.66 38.98 5.02
N HIS A 335 -0.47 37.69 5.30
CA HIS A 335 -1.10 37.01 6.44
C HIS A 335 -0.58 35.59 6.46
N TYR A 336 -1.05 34.82 7.43
CA TYR A 336 -0.69 33.47 7.54
C TYR A 336 -1.86 32.62 8.01
N LEU A 337 -1.70 31.31 7.80
CA LEU A 337 -2.55 30.25 8.19
C LEU A 337 -1.81 29.47 9.26
N SER A 338 -2.50 29.30 10.37
CA SER A 338 -1.97 28.59 11.48
C SER A 338 -2.52 27.14 11.39
N TYR A 339 -1.60 26.16 11.33
CA TYR A 339 -1.92 24.80 11.07
C TYR A 339 -1.66 23.97 12.33
N GLN A 340 -2.65 23.15 12.72
CA GLN A 340 -2.35 21.97 13.63
C GLN A 340 -2.91 20.67 13.01
N SER A 341 -2.16 19.58 13.23
CA SER A 341 -2.36 18.34 12.51
C SER A 341 -2.28 17.13 13.45
N LYS A 342 -3.29 16.27 13.35
CA LYS A 342 -3.30 15.01 14.17
C LYS A 342 -3.37 13.84 13.16
N LEU A 343 -2.33 13.02 13.23
CA LEU A 343 -2.27 11.81 12.50
C LEU A 343 -2.72 10.62 13.37
N SER A 344 -3.48 9.71 12.79
CA SER A 344 -3.83 8.46 13.47
C SER A 344 -4.01 7.33 12.44
N LYS A 345 -4.51 6.17 12.93
CA LYS A 345 -4.73 4.93 12.18
C LYS A 345 -6.12 4.43 12.49
N ASP A 346 -6.87 4.09 11.45
CA ASP A 346 -8.06 3.28 11.55
C ASP A 346 -7.69 1.85 11.94
N PRO A 347 -8.12 1.38 13.14
CA PRO A 347 -7.82 0.01 13.56
C PRO A 347 -8.39 -1.13 12.66
N ASN A 348 -9.35 -0.84 11.77
CA ASN A 348 -10.01 -1.84 10.88
C ASN A 348 -9.54 -1.77 9.41
N GLU A 349 -8.68 -0.83 9.07
CA GLU A 349 -8.14 -0.73 7.74
C GLU A 349 -6.85 -1.53 7.71
N LYS A 350 -6.74 -2.47 6.77
CA LYS A 350 -5.62 -3.36 6.66
C LYS A 350 -4.54 -2.80 5.74
N ARG A 351 -4.94 -1.92 4.83
CA ARG A 351 -3.96 -1.31 3.95
C ARG A 351 -3.18 -0.24 4.69
N ASP A 352 -2.03 0.13 4.15
CA ASP A 352 -1.25 1.21 4.54
C ASP A 352 -2.08 2.49 4.37
N HIS A 353 -2.18 3.32 5.44
CA HIS A 353 -3.06 4.48 5.36
C HIS A 353 -2.75 5.53 6.40
N MET A 354 -3.41 6.67 6.29
CA MET A 354 -3.30 7.75 7.26
C MET A 354 -4.66 8.41 7.44
N VAL A 355 -5.05 8.56 8.71
CA VAL A 355 -6.11 9.44 9.14
C VAL A 355 -5.45 10.77 9.52
N LEU A 356 -5.93 11.80 8.84
CA LEU A 356 -5.39 13.14 9.00
C LEU A 356 -6.51 14.04 9.48
N LEU A 357 -6.27 14.67 10.65
CA LEU A 357 -7.17 15.79 11.14
C LEU A 357 -6.35 17.06 11.12
N GLU A 358 -6.84 18.06 10.39
CA GLU A 358 -6.17 19.39 10.33
C GLU A 358 -7.07 20.49 10.91
N PHE A 359 -6.49 21.29 11.80
CA PHE A 359 -7.09 22.58 12.29
C PHE A 359 -6.36 23.76 11.65
N VAL A 360 -7.11 24.59 10.91
CA VAL A 360 -6.52 25.66 10.09
C VAL A 360 -7.26 26.99 10.34
N THR A 361 -6.56 28.00 10.86
CA THR A 361 -7.20 29.33 11.03
C THR A 361 -6.30 30.42 10.44
N ALA A 362 -6.90 31.41 9.80
CA ALA A 362 -6.18 32.60 9.29
C ALA A 362 -5.91 33.59 10.43
N ALA A 363 -4.67 34.09 10.48
CA ALA A 363 -4.17 35.09 11.46
C ALA A 363 -3.23 36.09 10.76
N GLY A 364 -2.79 37.11 11.52
CA GLY A 364 -1.74 38.04 11.21
C GLY A 364 -2.18 39.31 10.50
N ILE A 365 -3.47 39.62 10.47
CA ILE A 365 -3.89 40.96 10.11
C ILE A 365 -4.63 41.50 11.32
N THR A 366 -4.17 42.60 11.92
CA THR A 366 -4.84 43.05 13.17
C THR A 366 -6.04 43.92 12.77
N LEU A 367 -7.20 43.65 13.43
CA LEU A 367 -8.56 44.29 13.10
C LEU A 367 -8.39 45.82 12.93
N GLY A 368 -7.50 46.41 13.76
CA GLY A 368 -6.66 47.65 13.51
C GLY A 368 -7.19 48.56 12.43
N LYS A 384 -17.96 35.31 -2.35
CA LYS A 384 -18.89 34.95 -3.48
C LYS A 384 -19.03 33.42 -3.50
N GLY A 385 -17.92 32.73 -3.79
CA GLY A 385 -17.73 31.29 -3.58
C GLY A 385 -17.48 30.90 -2.12
N GLU A 386 -17.44 31.87 -1.19
CA GLU A 386 -17.42 31.61 0.24
C GLU A 386 -18.70 30.83 0.60
N GLU A 387 -19.77 30.99 -0.20
CA GLU A 387 -21.10 30.42 0.16
C GLU A 387 -21.07 28.89 0.09
N LEU A 388 -20.16 28.34 -0.73
CA LEU A 388 -20.04 26.89 -0.97
C LEU A 388 -19.52 26.13 0.25
N PHE A 389 -19.02 26.82 1.29
CA PHE A 389 -18.33 26.21 2.45
C PHE A 389 -19.06 26.52 3.76
N THR A 390 -20.35 26.85 3.67
CA THR A 390 -21.16 27.26 4.84
C THR A 390 -21.24 26.19 5.93
N GLY A 391 -21.71 24.94 5.75
CA GLY A 391 -21.43 23.91 4.79
C GLY A 391 -20.45 22.93 5.43
N VAL A 392 -20.83 21.71 5.91
CA VAL A 392 -19.89 20.56 5.90
C VAL A 392 -19.78 20.03 4.47
N VAL A 393 -18.55 19.95 3.92
CA VAL A 393 -18.32 19.60 2.48
C VAL A 393 -17.48 18.33 2.36
N PRO A 394 -17.97 17.37 1.52
CA PRO A 394 -17.25 16.13 1.26
C PRO A 394 -16.05 16.32 0.34
N ILE A 395 -14.93 15.66 0.70
CA ILE A 395 -13.68 15.75 -0.04
C ILE A 395 -13.32 14.41 -0.70
N LEU A 396 -12.75 14.49 -1.89
CA LEU A 396 -12.04 13.38 -2.58
C LEU A 396 -10.59 13.79 -2.83
N VAL A 397 -9.64 12.92 -2.43
CA VAL A 397 -8.23 13.16 -2.71
C VAL A 397 -7.62 12.00 -3.52
N GLU A 398 -6.95 12.36 -4.60
CA GLU A 398 -6.26 11.42 -5.49
C GLU A 398 -4.82 11.90 -5.75
N LEU A 399 -3.83 11.10 -5.34
CA LEU A 399 -2.42 11.45 -5.62
C LEU A 399 -1.76 10.31 -6.35
N ASP A 400 -1.06 10.65 -7.43
CA ASP A 400 -0.19 9.70 -8.12
C ASP A 400 1.25 10.20 -7.99
N GLY A 401 2.15 9.33 -7.55
CA GLY A 401 3.50 9.76 -7.28
C GLY A 401 4.56 8.84 -7.85
N ASP A 402 5.75 9.39 -8.03
CA ASP A 402 6.97 8.68 -8.48
C ASP A 402 8.14 9.30 -7.71
N VAL A 403 8.73 8.56 -6.78
CA VAL A 403 9.89 9.05 -6.01
C VAL A 403 11.08 8.14 -6.30
N ASN A 404 12.09 8.69 -6.98
CA ASN A 404 13.30 7.97 -7.39
C ASN A 404 12.90 6.73 -8.17
N GLY A 405 11.84 6.82 -9.01
CA GLY A 405 11.45 5.69 -9.80
C GLY A 405 10.48 4.75 -9.08
N HIS A 406 10.19 4.95 -7.78
CA HIS A 406 9.24 4.14 -7.03
C HIS A 406 7.82 4.72 -7.21
N LYS A 407 6.92 3.99 -7.89
CA LYS A 407 5.58 4.54 -8.20
C LYS A 407 4.61 4.24 -7.07
N PHE A 408 3.67 5.14 -6.82
CA PHE A 408 2.63 4.82 -5.89
C PHE A 408 1.42 5.72 -6.12
N SER A 409 0.33 5.31 -5.51
CA SER A 409 -0.92 5.97 -5.58
C SER A 409 -1.53 6.08 -4.18
N VAL A 410 -2.16 7.22 -3.90
CA VAL A 410 -2.98 7.37 -2.72
C VAL A 410 -4.39 7.82 -3.13
N ARG A 411 -5.39 7.27 -2.48
CA ARG A 411 -6.79 7.64 -2.72
C ARG A 411 -7.44 7.89 -1.36
N GLY A 412 -8.10 9.03 -1.22
CA GLY A 412 -8.77 9.28 0.07
C GLY A 412 -10.08 10.02 -0.03
N GLU A 413 -10.76 10.01 1.11
CA GLU A 413 -12.08 10.64 1.26
C GLU A 413 -12.11 11.32 2.64
N GLY A 414 -13.02 12.27 2.77
CA GLY A 414 -13.39 12.80 4.06
C GLY A 414 -14.31 14.00 3.96
N GLU A 415 -14.14 14.89 4.91
CA GLU A 415 -15.01 16.03 5.03
C GLU A 415 -14.24 17.25 5.52
N GLY A 416 -14.60 18.41 4.99
CA GLY A 416 -14.10 19.71 5.47
C GLY A 416 -15.21 20.59 6.02
N ASP A 417 -14.88 21.22 7.14
CA ASP A 417 -15.79 22.15 7.84
C ASP A 417 -15.14 23.53 7.97
N ALA A 418 -15.37 24.40 6.98
CA ALA A 418 -14.64 25.73 6.91
C ALA A 418 -14.94 26.61 8.13
N THR A 419 -16.18 26.61 8.65
CA THR A 419 -16.57 27.55 9.65
C THR A 419 -15.86 27.22 10.98
N ASN A 420 -15.46 25.96 11.19
CA ASN A 420 -14.55 25.61 12.34
C ASN A 420 -13.09 25.38 11.93
N GLY A 421 -12.74 25.69 10.67
CA GLY A 421 -11.44 25.38 10.10
C GLY A 421 -10.91 23.98 10.46
N LYS A 422 -11.70 22.96 10.15
CA LYS A 422 -11.47 21.58 10.52
C LYS A 422 -11.50 20.81 9.18
N LEU A 423 -10.61 19.86 8.98
CA LEU A 423 -10.93 18.82 7.98
C LEU A 423 -10.40 17.49 8.48
N THR A 424 -11.08 16.45 8.00
CA THR A 424 -10.75 15.06 8.32
C THR A 424 -10.66 14.27 7.02
N LEU A 425 -9.56 13.53 6.90
CA LEU A 425 -9.36 12.65 5.73
C LEU A 425 -8.84 11.29 6.18
N LYS A 426 -9.30 10.26 5.44
CA LYS A 426 -8.66 8.94 5.46
C LYS A 426 -8.07 8.67 4.09
N LEU A 427 -6.79 8.35 4.09
CA LEU A 427 -6.00 8.31 2.84
C LEU A 427 -5.34 6.96 2.77
N ILE A 428 -5.57 6.24 1.65
CA ILE A 428 -5.16 4.84 1.45
C ILE A 428 -4.08 4.78 0.38
N CYS A 429 -3.00 4.05 0.63
CA CYS A 429 -2.12 3.64 -0.47
C CYS A 429 -2.73 2.45 -1.23
N THR A 430 -3.08 2.68 -2.48
CA THR A 430 -3.76 1.65 -3.31
C THR A 430 -2.76 0.78 -4.08
N THR A 431 -1.45 1.05 -3.92
CA THR A 431 -0.40 0.38 -4.60
C THR A 431 0.40 -0.49 -3.64
N GLY A 432 -0.13 -0.76 -2.46
CA GLY A 432 0.51 -1.65 -1.46
C GLY A 432 1.18 -0.80 -0.40
N LYS A 433 2.49 -0.97 -0.25
CA LYS A 433 3.25 -0.25 0.74
C LYS A 433 3.75 1.08 0.12
N LEU A 434 3.48 2.15 0.83
CA LEU A 434 3.90 3.51 0.53
C LEU A 434 5.42 3.57 0.70
N PRO A 435 6.18 3.93 -0.36
CA PRO A 435 7.64 3.94 -0.31
C PRO A 435 8.24 5.19 0.37
N VAL A 436 7.41 6.11 0.83
CA VAL A 436 7.85 7.27 1.64
C VAL A 436 7.00 7.34 2.91
N PRO A 437 7.47 8.02 3.98
CA PRO A 437 6.66 8.11 5.20
C PRO A 437 5.44 8.99 4.94
N TRP A 438 4.32 8.61 5.49
CA TRP A 438 3.08 9.35 5.34
C TRP A 438 3.24 10.83 5.68
N PRO A 439 3.94 11.21 6.78
CA PRO A 439 4.06 12.65 7.10
C PRO A 439 4.70 13.51 6.00
N THR A 440 5.50 12.89 5.12
CA THR A 440 6.10 13.66 4.02
C THR A 440 5.06 14.09 2.98
N LEU A 441 3.86 13.50 3.04
CA LEU A 441 2.79 13.78 2.07
C LEU A 441 1.66 14.61 2.66
N VAL A 442 1.70 14.88 3.96
CA VAL A 442 0.62 15.61 4.63
C VAL A 442 0.40 16.95 3.92
N THR A 443 1.45 17.76 3.66
CA THR A 443 1.17 19.07 3.07
C THR A 443 0.60 18.95 1.65
N THR A 444 1.04 17.91 0.91
CA THR A 444 0.56 17.69 -0.46
C THR A 444 -0.92 17.30 -0.44
N LEU A 445 -1.29 16.35 0.43
CA LEU A 445 -2.63 15.76 0.43
C LEU A 445 -3.58 16.73 1.13
N1 CR2 A 446 -3.26 17.51 2.30
CA1 CR2 A 446 -4.05 18.57 2.98
C1 CR2 A 446 -3.23 19.82 2.96
N2 CR2 A 446 -2.47 20.30 4.00
N3 CR2 A 446 -3.14 20.61 1.83
C2 CR2 A 446 -2.25 21.52 2.16
O2 CR2 A 446 -1.95 22.45 1.34
CA2 CR2 A 446 -1.86 21.38 3.56
CA3 CR2 A 446 -3.72 20.45 0.47
C3 CR2 A 446 -4.97 21.23 0.16
O3 CR2 A 446 -5.32 21.26 -1.02
CB2 CR2 A 446 -0.93 22.25 4.29
CG2 CR2 A 446 -0.36 22.15 5.64
CD1 CR2 A 446 -0.51 21.12 6.45
CD2 CR2 A 446 0.57 23.15 6.03
CE1 CR2 A 446 0.14 21.16 7.66
CE2 CR2 A 446 1.24 23.16 7.20
CZ CR2 A 446 1.00 22.17 8.09
OH CR2 A 446 1.60 22.15 9.38
N LEU A 447 -5.78 21.56 1.06
CA LEU A 447 -7.16 21.97 1.11
C LEU A 447 -7.23 23.21 1.99
N MET A 448 -6.59 24.27 1.53
CA MET A 448 -6.44 25.51 2.28
C MET A 448 -7.75 26.32 2.23
N CYS A 449 -8.63 25.93 1.31
CA CYS A 449 -10.00 26.44 1.22
C CYS A 449 -10.84 26.10 2.48
N PHE A 450 -10.38 25.20 3.36
CA PHE A 450 -11.11 24.93 4.59
C PHE A 450 -10.50 25.69 5.76
N ALA A 451 -9.68 26.71 5.50
CA ALA A 451 -9.27 27.59 6.60
C ALA A 451 -10.49 28.37 7.11
N ARG A 452 -10.53 28.62 8.42
N ARG A 452 -10.53 28.62 8.42
CA ARG A 452 -11.42 29.66 9.00
CA ARG A 452 -11.42 29.65 9.02
C ARG A 452 -10.75 31.01 8.85
C ARG A 452 -10.75 31.02 8.86
N TYR A 453 -11.30 31.87 7.99
CA TYR A 453 -10.89 33.29 7.97
C TYR A 453 -11.82 34.07 8.92
N PRO A 454 -11.27 34.70 9.98
CA PRO A 454 -12.02 35.65 10.81
C PRO A 454 -12.71 36.72 9.98
N ASP A 455 -13.71 37.35 10.60
CA ASP A 455 -14.70 38.20 9.86
C ASP A 455 -13.99 39.44 9.29
N HIS A 456 -12.99 39.95 10.02
CA HIS A 456 -12.18 41.09 9.57
C HIS A 456 -11.21 40.71 8.44
N MET A 457 -11.13 39.42 8.04
CA MET A 457 -10.17 38.98 7.00
C MET A 457 -10.84 38.29 5.82
N LYS A 458 -12.17 38.25 5.78
CA LYS A 458 -12.87 37.47 4.75
C LYS A 458 -12.45 37.92 3.33
N GLN A 459 -12.04 39.17 3.18
CA GLN A 459 -11.67 39.75 1.87
C GLN A 459 -10.23 39.34 1.50
N HIS A 460 -9.57 38.52 2.35
CA HIS A 460 -8.20 38.00 2.12
C HIS A 460 -8.16 36.48 1.80
N ASP A 461 -9.31 35.86 1.48
CA ASP A 461 -9.42 34.40 1.34
C ASP A 461 -9.45 34.07 -0.15
N PHE A 462 -8.26 33.91 -0.71
CA PHE A 462 -8.14 33.66 -2.14
C PHE A 462 -8.77 32.30 -2.49
N PHE A 463 -8.54 31.34 -1.60
CA PHE A 463 -8.83 29.93 -1.80
C PHE A 463 -10.31 29.71 -2.08
N LYS A 464 -11.18 30.22 -1.18
CA LYS A 464 -12.64 30.11 -1.38
C LYS A 464 -13.06 30.95 -2.60
N SER A 465 -12.41 32.09 -2.82
CA SER A 465 -12.86 33.02 -3.83
C SER A 465 -12.72 32.38 -5.22
N ALA A 466 -11.86 31.38 -5.39
CA ALA A 466 -11.66 30.80 -6.75
C ALA A 466 -12.63 29.64 -7.02
N MET A 467 -13.42 29.25 -6.03
CA MET A 467 -14.42 28.17 -6.15
C MET A 467 -15.69 28.73 -6.78
N PRO A 468 -16.36 27.97 -7.66
CA PRO A 468 -16.22 26.53 -7.76
C PRO A 468 -15.20 26.03 -8.79
N GLU A 469 -14.79 26.85 -9.74
CA GLU A 469 -13.89 26.40 -10.79
C GLU A 469 -12.53 25.95 -10.20
N GLY A 470 -12.06 26.62 -9.14
CA GLY A 470 -10.97 26.12 -8.28
C GLY A 470 -9.60 26.70 -8.58
N TYR A 471 -8.54 26.12 -7.99
CA TYR A 471 -7.18 26.61 -8.20
C TYR A 471 -6.20 25.47 -8.43
N VAL A 472 -5.09 25.84 -9.10
CA VAL A 472 -3.92 25.00 -9.21
C VAL A 472 -3.02 25.29 -8.02
N GLN A 473 -2.59 24.26 -7.29
CA GLN A 473 -1.58 24.42 -6.19
C GLN A 473 -0.32 23.68 -6.60
N GLU A 474 0.77 24.38 -6.79
CA GLU A 474 2.04 23.78 -7.14
C GLU A 474 3.04 24.01 -6.01
N ARG A 475 3.94 23.07 -5.77
CA ARG A 475 4.99 23.30 -4.81
C ARG A 475 6.29 22.67 -5.29
N THR A 476 7.40 23.12 -4.72
CA THR A 476 8.60 22.33 -4.66
C THR A 476 8.97 22.18 -3.18
N ILE A 477 9.25 20.97 -2.73
CA ILE A 477 9.53 20.74 -1.35
C ILE A 477 10.97 20.21 -1.23
N PHE A 478 11.83 20.96 -0.51
CA PHE A 478 13.24 20.63 -0.42
C PHE A 478 13.55 20.02 0.94
N PHE A 479 13.80 18.72 0.95
CA PHE A 479 14.16 18.03 2.19
C PHE A 479 15.65 18.30 2.44
N LYS A 480 15.99 18.92 3.58
CA LYS A 480 17.36 19.27 3.87
C LYS A 480 18.27 18.04 3.81
N ASP A 481 19.35 18.13 3.03
CA ASP A 481 20.40 17.09 2.87
C ASP A 481 19.81 15.78 2.28
N ASP A 482 18.73 15.90 1.51
CA ASP A 482 18.08 14.78 0.83
C ASP A 482 17.47 15.37 -0.47
N GLY A 483 16.52 14.67 -1.07
CA GLY A 483 15.93 15.09 -2.34
C GLY A 483 14.80 16.06 -2.19
N ASN A 484 14.04 16.22 -3.28
CA ASN A 484 12.93 17.12 -3.38
C ASN A 484 11.71 16.49 -4.07
N TYR A 485 10.53 16.96 -3.63
CA TYR A 485 9.26 16.68 -4.26
C TYR A 485 8.87 17.90 -5.11
N LYS A 486 8.34 17.65 -6.30
CA LYS A 486 7.58 18.69 -7.05
C LYS A 486 6.16 18.19 -7.22
N THR A 487 5.18 19.06 -6.92
CA THR A 487 3.77 18.70 -6.94
C THR A 487 2.95 19.70 -7.75
N ARG A 488 1.91 19.21 -8.38
N ARG A 488 1.91 19.20 -8.40
CA ARG A 488 0.91 20.03 -9.03
CA ARG A 488 0.91 20.03 -9.05
C ARG A 488 -0.43 19.40 -8.69
C ARG A 488 -0.43 19.41 -8.71
N ALA A 489 -1.33 20.23 -8.17
CA ALA A 489 -2.66 19.75 -7.84
C ALA A 489 -3.71 20.70 -8.39
N GLU A 490 -4.88 20.17 -8.71
CA GLU A 490 -6.06 20.95 -9.02
C GLU A 490 -7.05 20.71 -7.90
N VAL A 491 -7.49 21.78 -7.25
CA VAL A 491 -8.50 21.74 -6.22
C VAL A 491 -9.74 22.42 -6.77
N LYS A 492 -10.86 21.69 -6.86
CA LYS A 492 -12.09 22.20 -7.43
C LYS A 492 -13.29 21.37 -7.00
N PHE A 493 -14.47 21.92 -7.24
CA PHE A 493 -15.74 21.24 -7.05
C PHE A 493 -16.08 20.45 -8.32
N GLU A 494 -16.48 19.18 -8.09
CA GLU A 494 -17.22 18.37 -9.08
C GLU A 494 -18.52 17.99 -8.34
N GLY A 495 -19.64 18.57 -8.77
CA GLY A 495 -20.86 18.41 -7.98
C GLY A 495 -20.69 19.05 -6.61
N ASP A 496 -21.13 18.38 -5.55
CA ASP A 496 -21.05 18.95 -4.20
C ASP A 496 -19.80 18.45 -3.43
N THR A 497 -18.87 17.80 -4.14
CA THR A 497 -17.63 17.21 -3.60
C THR A 497 -16.43 18.06 -4.05
N LEU A 498 -15.61 18.42 -3.06
CA LEU A 498 -14.37 19.12 -3.28
C LEU A 498 -13.28 18.08 -3.53
N VAL A 499 -12.63 18.23 -4.66
CA VAL A 499 -11.65 17.27 -5.16
C VAL A 499 -10.26 17.90 -5.24
N ASN A 500 -9.28 17.23 -4.64
CA ASN A 500 -7.86 17.54 -4.77
C ASN A 500 -7.20 16.42 -5.57
N ARG A 501 -6.78 16.73 -6.81
CA ARG A 501 -6.04 15.76 -7.65
C ARG A 501 -4.59 16.18 -7.85
N ILE A 502 -3.65 15.25 -7.56
CA ILE A 502 -2.25 15.63 -7.44
C ILE A 502 -1.34 14.71 -8.25
N GLU A 503 -0.37 15.29 -8.96
CA GLU A 503 0.80 14.52 -9.38
C GLU A 503 2.00 14.97 -8.57
N LEU A 504 2.81 14.00 -8.12
CA LEU A 504 4.03 14.31 -7.39
C LEU A 504 5.22 13.62 -8.07
N LYS A 505 6.31 14.30 -8.24
CA LYS A 505 7.55 13.71 -8.75
C LYS A 505 8.66 13.99 -7.71
N GLY A 506 9.30 12.95 -7.21
CA GLY A 506 10.45 13.16 -6.30
C GLY A 506 11.75 12.68 -6.93
N ILE A 507 12.83 13.46 -6.80
CA ILE A 507 14.13 13.03 -7.32
C ILE A 507 15.23 13.22 -6.28
N ASP A 508 16.38 12.54 -6.51
CA ASP A 508 17.63 12.65 -5.83
C ASP A 508 17.53 12.35 -4.34
N PHE A 509 16.65 11.43 -3.96
CA PHE A 509 16.61 11.01 -2.58
C PHE A 509 17.71 9.98 -2.34
N LYS A 510 18.11 9.87 -1.08
CA LYS A 510 19.08 8.89 -0.62
C LYS A 510 18.32 7.65 -0.23
N GLU A 511 18.76 6.48 -0.72
CA GLU A 511 18.01 5.22 -0.48
C GLU A 511 17.97 4.93 1.01
N ASP A 512 18.97 5.35 1.79
N ASP A 512 18.97 5.44 1.75
CA ASP A 512 18.84 5.18 3.25
CA ASP A 512 19.18 5.26 3.16
C ASP A 512 18.92 6.51 4.02
C ASP A 512 18.95 6.53 4.01
N GLY A 513 18.29 7.55 3.45
CA GLY A 513 18.03 8.76 4.17
C GLY A 513 16.74 8.63 4.93
N ASN A 514 16.23 9.73 5.46
CA ASN A 514 15.18 9.63 6.40
C ASN A 514 13.85 9.39 5.69
N ILE A 515 13.75 9.70 4.39
CA ILE A 515 12.52 9.51 3.65
C ILE A 515 12.46 8.08 3.10
N LEU A 516 13.38 7.69 2.24
CA LEU A 516 13.25 6.37 1.65
C LEU A 516 13.60 5.25 2.63
N GLY A 517 14.33 5.56 3.71
CA GLY A 517 14.66 4.65 4.78
C GLY A 517 13.61 4.63 5.89
N HIS A 518 12.53 5.41 5.77
CA HIS A 518 11.43 5.41 6.77
C HIS A 518 11.92 5.71 8.21
N LYS A 519 12.56 6.87 8.42
CA LYS A 519 13.13 7.19 9.69
C LYS A 519 12.44 8.42 10.29
N LEU A 520 11.18 8.67 9.92
CA LEU A 520 10.39 9.80 10.45
C LEU A 520 9.24 9.24 11.30
N GLU A 521 8.97 9.92 12.42
CA GLU A 521 8.00 9.51 13.31
C GLU A 521 6.63 9.72 12.66
N TYR A 522 5.64 9.04 13.20
CA TYR A 522 4.33 9.19 12.79
C TYR A 522 3.60 10.17 13.73
N ASN A 523 3.88 11.46 13.55
CA ASN A 523 3.17 12.61 14.18
C ASN A 523 3.53 13.84 13.34
N TYR A 524 3.01 14.98 13.78
CA TYR A 524 3.12 16.20 13.05
C TYR A 524 3.07 17.42 13.98
N ASN A 525 3.96 18.36 13.68
CA ASN A 525 4.09 19.60 14.37
C ASN A 525 3.17 20.66 13.79
N SER A 526 3.06 21.76 14.55
CA SER A 526 2.30 22.92 14.14
C SER A 526 3.24 23.84 13.36
N HIS A 527 2.62 24.60 12.45
CA HIS A 527 3.32 25.44 11.51
C HIS A 527 2.42 26.59 11.08
N ASN A 528 3.08 27.65 10.62
CA ASN A 528 2.46 28.74 10.08
C ASN A 528 2.85 28.83 8.61
N VAL A 529 1.86 29.02 7.76
CA VAL A 529 2.08 29.20 6.36
C VAL A 529 1.92 30.68 6.07
N TYR A 530 3.01 31.36 5.73
CA TYR A 530 2.95 32.78 5.39
C TYR A 530 2.59 33.01 3.93
N ILE A 531 1.47 33.70 3.69
CA ILE A 531 0.90 33.88 2.36
C ILE A 531 1.11 35.32 1.88
N THR A 532 1.55 35.49 0.64
CA THR A 532 1.60 36.84 0.00
C THR A 532 0.92 36.75 -1.36
N ALA A 533 0.47 37.89 -1.86
CA ALA A 533 -0.17 37.98 -3.18
C ALA A 533 0.88 37.78 -4.28
N ASP A 534 0.44 37.27 -5.42
CA ASP A 534 1.21 37.17 -6.63
C ASP A 534 0.36 37.75 -7.76
N LYS A 535 0.31 39.07 -7.85
CA LYS A 535 -0.62 39.78 -8.69
C LYS A 535 -0.43 39.39 -10.16
N GLN A 536 0.81 39.06 -10.56
CA GLN A 536 1.14 38.83 -11.98
C GLN A 536 0.55 37.51 -12.48
N LYS A 537 0.23 36.61 -11.56
CA LYS A 537 -0.38 35.33 -11.86
C LYS A 537 -1.84 35.28 -11.36
N ASN A 538 -2.33 36.37 -10.78
CA ASN A 538 -3.67 36.48 -10.22
C ASN A 538 -3.89 35.43 -9.12
N GLY A 539 -2.90 35.29 -8.24
CA GLY A 539 -2.86 34.24 -7.33
C GLY A 539 -2.09 34.63 -6.09
N ILE A 540 -1.57 33.62 -5.39
CA ILE A 540 -0.84 33.81 -4.17
C ILE A 540 0.39 32.91 -4.20
N LYS A 541 1.27 33.11 -3.22
CA LYS A 541 2.39 32.24 -3.00
C LYS A 541 2.67 32.20 -1.52
N ALA A 542 3.52 31.28 -1.12
CA ALA A 542 3.82 31.06 0.25
C ALA A 542 5.10 30.29 0.31
N ASN A 543 5.88 30.52 1.36
CA ASN A 543 6.97 29.64 1.72
C ASN A 543 6.98 29.48 3.25
N PHE A 544 7.29 28.25 3.64
CA PHE A 544 7.27 27.85 5.03
C PHE A 544 8.15 26.63 5.17
N LYS A 545 8.65 26.41 6.37
CA LYS A 545 9.44 25.27 6.69
C LYS A 545 8.62 24.31 7.51
N ILE A 546 8.57 23.04 7.09
CA ILE A 546 7.98 21.99 7.84
C ILE A 546 9.08 21.24 8.60
N ARG A 547 8.76 20.93 9.87
CA ARG A 547 9.65 20.26 10.79
C ARG A 547 9.11 18.84 10.99
N HIS A 548 9.88 17.85 10.54
CA HIS A 548 9.51 16.46 10.71
C HIS A 548 10.41 15.84 11.77
N ASN A 549 9.80 15.25 12.79
CA ASN A 549 10.56 14.58 13.85
C ASN A 549 11.14 13.29 13.29
N ILE A 550 12.45 13.12 13.47
CA ILE A 550 13.19 11.89 13.15
C ILE A 550 13.00 10.83 14.25
N GLU A 551 12.85 9.57 13.79
CA GLU A 551 13.21 8.29 14.44
C GLU A 551 12.29 7.16 13.93
N GLY B 5 -14.96 -44.30 4.96
CA GLY B 5 -14.61 -44.63 3.55
C GLY B 5 -13.27 -44.04 3.09
N GLU B 6 -12.73 -43.04 3.82
CA GLU B 6 -11.37 -42.50 3.56
C GLU B 6 -10.37 -43.66 3.72
N GLU B 7 -10.75 -44.68 4.52
CA GLU B 7 -9.91 -45.83 4.90
C GLU B 7 -9.47 -46.62 3.66
N LEU B 8 -10.35 -46.68 2.65
CA LEU B 8 -10.21 -47.54 1.47
C LEU B 8 -9.07 -47.06 0.56
N PHE B 9 -8.52 -45.84 0.78
CA PHE B 9 -7.57 -45.19 -0.14
C PHE B 9 -6.24 -44.93 0.55
N THR B 10 -5.98 -45.60 1.69
CA THR B 10 -4.73 -45.39 2.49
C THR B 10 -3.46 -45.64 1.66
N GLY B 11 -3.41 -46.81 1.01
CA GLY B 11 -2.40 -47.14 0.01
C GLY B 11 -3.02 -47.28 -1.37
N VAL B 12 -2.43 -48.17 -2.19
CA VAL B 12 -2.55 -48.18 -3.67
C VAL B 12 -3.78 -49.01 -4.04
N VAL B 13 -4.65 -48.43 -4.89
CA VAL B 13 -5.90 -49.10 -5.36
C VAL B 13 -5.87 -49.28 -6.87
N PRO B 14 -6.21 -50.51 -7.35
CA PRO B 14 -6.26 -50.79 -8.79
C PRO B 14 -7.54 -50.19 -9.43
N ILE B 15 -7.38 -49.64 -10.63
CA ILE B 15 -8.50 -48.99 -11.34
C ILE B 15 -8.88 -49.77 -12.62
N LEU B 16 -10.19 -49.86 -12.83
CA LEU B 16 -10.80 -50.29 -14.10
C LEU B 16 -11.69 -49.16 -14.64
N VAL B 17 -11.53 -48.82 -15.92
CA VAL B 17 -12.40 -47.89 -16.61
C VAL B 17 -13.05 -48.53 -17.85
N GLU B 18 -14.37 -48.36 -17.98
CA GLU B 18 -15.15 -48.83 -19.14
C GLU B 18 -16.02 -47.70 -19.70
N LEU B 19 -15.84 -47.37 -20.99
CA LEU B 19 -16.58 -46.26 -21.59
C LEU B 19 -17.22 -46.76 -22.86
N ASP B 20 -18.51 -46.47 -23.00
CA ASP B 20 -19.23 -46.65 -24.25
C ASP B 20 -19.64 -45.28 -24.75
N GLY B 21 -19.31 -44.98 -26.01
CA GLY B 21 -19.58 -43.67 -26.54
C GLY B 21 -20.29 -43.69 -27.87
N ASP B 22 -21.00 -42.61 -28.14
CA ASP B 22 -21.69 -42.35 -29.44
C ASP B 22 -21.65 -40.81 -29.63
N VAL B 23 -20.83 -40.34 -30.58
CA VAL B 23 -20.72 -38.94 -30.90
C VAL B 23 -21.16 -38.70 -32.35
N ASN B 24 -22.32 -38.04 -32.51
CA ASN B 24 -22.96 -37.79 -33.80
C ASN B 24 -23.14 -39.11 -34.56
N GLY B 25 -23.54 -40.18 -33.86
CA GLY B 25 -23.72 -41.48 -34.48
C GLY B 25 -22.42 -42.27 -34.65
N HIS B 26 -21.24 -41.72 -34.34
CA HIS B 26 -19.96 -42.44 -34.39
C HIS B 26 -19.71 -43.19 -33.09
N LYS B 27 -19.86 -44.53 -33.11
CA LYS B 27 -19.83 -45.29 -31.85
C LYS B 27 -18.42 -45.76 -31.57
N PHE B 28 -18.10 -45.90 -30.29
CA PHE B 28 -16.82 -46.42 -29.88
C PHE B 28 -16.86 -46.91 -28.42
N SER B 29 -15.84 -47.66 -28.06
CA SER B 29 -15.66 -48.22 -26.75
C SER B 29 -14.21 -48.02 -26.31
N VAL B 30 -14.03 -47.79 -25.03
CA VAL B 30 -12.71 -47.58 -24.44
C VAL B 30 -12.66 -48.42 -23.17
N SER B 31 -11.51 -49.05 -22.94
CA SER B 31 -11.27 -49.78 -21.73
C SER B 31 -9.93 -49.31 -21.18
N GLY B 32 -9.90 -49.14 -19.86
CA GLY B 32 -8.68 -48.61 -19.20
C GLY B 32 -8.37 -49.37 -17.92
N GLU B 33 -7.06 -49.44 -17.60
CA GLU B 33 -6.59 -50.06 -16.37
C GLU B 33 -5.43 -49.22 -15.84
N GLY B 34 -5.21 -49.36 -14.52
CA GLY B 34 -3.98 -48.91 -13.88
C GLY B 34 -4.17 -48.85 -12.37
N GLU B 35 -3.62 -47.80 -11.74
CA GLU B 35 -3.65 -47.73 -10.30
C GLU B 35 -3.69 -46.27 -9.83
N GLY B 36 -4.37 -46.11 -8.70
CA GLY B 36 -4.46 -44.82 -8.00
C GLY B 36 -3.88 -44.86 -6.60
N ASP B 37 -3.05 -43.87 -6.30
CA ASP B 37 -2.48 -43.67 -4.98
C ASP B 37 -2.93 -42.32 -4.38
N ALA B 38 -4.00 -42.35 -3.58
CA ALA B 38 -4.68 -41.13 -3.08
C ALA B 38 -3.77 -40.26 -2.22
N THR B 39 -2.88 -40.84 -1.42
CA THR B 39 -2.12 -40.05 -0.46
C THR B 39 -1.11 -39.15 -1.20
N TYR B 40 -0.76 -39.48 -2.46
CA TYR B 40 0.08 -38.57 -3.31
C TYR B 40 -0.56 -37.74 -4.47
N GLY B 41 -1.88 -37.49 -4.61
CA GLY B 41 -2.91 -37.98 -5.55
C GLY B 41 -2.46 -38.28 -6.98
N LYS B 42 -1.95 -39.49 -7.11
CA LYS B 42 -1.28 -39.93 -8.32
C LYS B 42 -2.13 -41.03 -8.98
N LEU B 43 -2.40 -40.82 -10.28
CA LEU B 43 -3.03 -41.85 -11.12
C LEU B 43 -2.12 -42.25 -12.29
N THR B 44 -2.05 -43.55 -12.53
CA THR B 44 -1.39 -44.06 -13.75
C THR B 44 -2.34 -45.02 -14.46
N LEU B 45 -2.67 -44.68 -15.70
CA LEU B 45 -3.75 -45.33 -16.44
C LEU B 45 -3.36 -45.47 -17.90
N LYS B 46 -3.69 -46.63 -18.47
CA LYS B 46 -3.61 -46.88 -19.91
C LYS B 46 -5.02 -47.12 -20.46
N PHE B 47 -5.39 -46.41 -21.52
CA PHE B 47 -6.70 -46.55 -22.12
C PHE B 47 -6.54 -47.04 -23.57
N ILE B 48 -7.35 -48.05 -23.89
CA ILE B 48 -7.43 -48.68 -25.22
C ILE B 48 -8.76 -48.37 -25.87
N CYS B 49 -8.74 -47.90 -27.11
CA CYS B 49 -9.95 -47.96 -27.94
C CYS B 49 -10.12 -49.38 -28.50
N THR B 50 -11.16 -50.10 -28.07
CA THR B 50 -11.33 -51.47 -28.39
C THR B 50 -12.11 -51.65 -29.71
N THR B 51 -12.55 -50.54 -30.32
CA THR B 51 -13.40 -50.55 -31.48
C THR B 51 -12.64 -50.05 -32.71
N GLY B 52 -11.31 -49.95 -32.59
CA GLY B 52 -10.44 -49.57 -33.70
C GLY B 52 -9.99 -48.14 -33.52
N LYS B 53 -10.42 -47.26 -34.41
CA LYS B 53 -10.02 -45.90 -34.40
C LYS B 53 -11.04 -45.12 -33.55
N LEU B 54 -10.50 -44.35 -32.61
CA LEU B 54 -11.28 -43.41 -31.80
C LEU B 54 -11.71 -42.26 -32.72
N PRO B 55 -13.02 -42.01 -32.86
CA PRO B 55 -13.53 -40.97 -33.76
C PRO B 55 -13.48 -39.53 -33.19
N VAL B 56 -12.94 -39.37 -31.96
CA VAL B 56 -12.74 -38.07 -31.35
C VAL B 56 -11.33 -38.03 -30.75
N PRO B 57 -10.74 -36.84 -30.48
CA PRO B 57 -9.40 -36.81 -29.95
C PRO B 57 -9.42 -37.29 -28.51
N TRP B 58 -8.39 -38.01 -28.13
CA TRP B 58 -8.19 -38.50 -26.81
C TRP B 58 -8.32 -37.40 -25.77
N PRO B 59 -7.76 -36.20 -25.99
CA PRO B 59 -7.80 -35.19 -24.91
C PRO B 59 -9.20 -34.72 -24.56
N THR B 60 -10.17 -34.91 -25.45
CA THR B 60 -11.55 -34.56 -25.12
C THR B 60 -12.16 -35.54 -24.10
N LEU B 61 -11.51 -36.70 -23.89
CA LEU B 61 -12.05 -37.80 -23.09
C LEU B 61 -11.33 -37.94 -21.75
N VAL B 62 -10.24 -37.22 -21.58
CA VAL B 62 -9.42 -37.38 -20.35
C VAL B 62 -10.32 -37.17 -19.12
N THR B 63 -11.09 -36.08 -19.10
CA THR B 63 -11.86 -35.75 -17.86
C THR B 63 -12.97 -36.79 -17.63
N THR B 64 -13.53 -37.35 -18.71
CA THR B 64 -14.53 -38.34 -18.58
C THR B 64 -13.98 -39.66 -18.02
N LEU B 65 -12.86 -40.14 -18.60
CA LEU B 65 -12.19 -41.37 -18.24
C LEU B 65 -11.55 -41.21 -16.87
N1 CRF B 66 -10.96 -40.03 -16.44
CA1 CRF B 66 -10.54 -39.89 -15.03
CB1 CRF B 66 -9.04 -40.17 -14.94
CG1 CRF B 66 -8.35 -39.46 -16.07
OG1 CRF B 66 -8.36 -39.75 -13.75
C1 CRF B 66 -11.02 -38.57 -14.59
N2 CRF B 66 -10.39 -37.37 -14.76
N3 CRF B 66 -12.25 -38.45 -13.99
C2 CRF B 66 -12.38 -37.15 -13.76
O2 CRF B 66 -13.45 -36.60 -13.26
CA2 CRF B 66 -11.21 -36.42 -14.23
CA3 CRF B 66 -13.24 -39.40 -13.70
C3 CRF B 66 -13.09 -40.39 -12.60
O3 CRF B 66 -14.13 -40.71 -11.93
CB2 CRF B 66 -10.99 -34.98 -14.22
CG2 CRF B 66 -9.77 -34.35 -14.78
CD1 CRF B 66 -8.80 -35.03 -15.47
CD2 CRF B 66 -9.62 -32.98 -15.01
CE2 CRF B 66 -8.35 -32.90 -15.73
NE1 CRF B 66 -7.95 -34.15 -15.97
CE3 CRF B 66 -10.25 -31.83 -14.54
CZ2 CRF B 66 -7.76 -31.65 -15.98
CZ3 CRF B 66 -9.63 -30.56 -14.81
CH2 CRF B 66 -8.42 -30.49 -15.50
N VAL B 67 -12.08 -40.20 -11.80
CA VAL B 67 -11.91 -40.90 -10.48
C VAL B 67 -11.31 -39.91 -9.50
N GLN B 68 -12.11 -38.93 -9.19
CA GLN B 68 -11.70 -37.77 -8.35
C GLN B 68 -11.57 -38.18 -6.88
N CYS B 69 -12.02 -39.40 -6.55
CA CYS B 69 -11.78 -40.06 -5.28
C CYS B 69 -10.30 -40.30 -4.98
N PHE B 70 -9.41 -40.17 -5.98
CA PHE B 70 -7.97 -40.33 -5.73
C PHE B 70 -7.32 -38.96 -5.55
N ALA B 71 -8.10 -37.90 -5.34
CA ALA B 71 -7.47 -36.59 -5.03
C ALA B 71 -6.78 -36.70 -3.66
N ARG B 72 -5.64 -36.01 -3.53
CA ARG B 72 -5.00 -35.77 -2.23
C ARG B 72 -5.69 -34.61 -1.53
N TYR B 73 -6.44 -34.90 -0.46
CA TYR B 73 -6.99 -33.85 0.39
C TYR B 73 -6.01 -33.63 1.54
N PRO B 74 -5.39 -32.42 1.66
CA PRO B 74 -4.51 -32.15 2.78
C PRO B 74 -5.29 -32.29 4.09
N ASP B 75 -4.56 -32.31 5.20
CA ASP B 75 -5.12 -32.66 6.54
C ASP B 75 -6.14 -31.60 6.99
N HIS B 76 -5.93 -30.34 6.60
CA HIS B 76 -6.87 -29.26 6.92
C HIS B 76 -8.16 -29.34 6.08
N MET B 77 -8.24 -30.26 5.12
CA MET B 77 -9.42 -30.33 4.21
C MET B 77 -10.10 -31.69 4.22
N LYS B 78 -9.68 -32.61 5.09
CA LYS B 78 -10.21 -33.98 5.03
C LYS B 78 -11.75 -34.02 5.13
N GLN B 79 -12.33 -33.00 5.77
CA GLN B 79 -13.78 -32.92 6.02
C GLN B 79 -14.51 -32.42 4.76
N HIS B 80 -13.76 -32.14 3.67
CA HIS B 80 -14.31 -31.66 2.38
C HIS B 80 -14.30 -32.71 1.25
N ASP B 81 -14.04 -33.97 1.56
CA ASP B 81 -13.83 -35.01 0.54
C ASP B 81 -15.09 -35.86 0.39
N PHE B 82 -16.00 -35.36 -0.45
CA PHE B 82 -17.24 -36.03 -0.72
C PHE B 82 -17.01 -37.37 -1.40
N PHE B 83 -16.04 -37.37 -2.32
CA PHE B 83 -15.76 -38.48 -3.21
C PHE B 83 -15.48 -39.75 -2.41
N LYS B 84 -14.49 -39.69 -1.50
CA LYS B 84 -14.15 -40.87 -0.65
C LYS B 84 -15.33 -41.18 0.31
N SER B 85 -16.04 -40.16 0.78
CA SER B 85 -17.07 -40.35 1.76
C SER B 85 -18.21 -41.20 1.19
N ALA B 86 -18.38 -41.27 -0.13
CA ALA B 86 -19.51 -42.05 -0.69
C ALA B 86 -19.15 -43.51 -0.95
N MET B 87 -17.88 -43.86 -0.77
CA MET B 87 -17.38 -45.22 -0.96
C MET B 87 -17.71 -46.07 0.27
N PRO B 88 -18.03 -47.36 0.08
CA PRO B 88 -17.72 -48.10 -1.13
C PRO B 88 -18.86 -48.14 -2.18
N GLU B 89 -20.10 -47.82 -1.78
CA GLU B 89 -21.23 -47.92 -2.73
C GLU B 89 -21.03 -46.95 -3.90
N GLY B 90 -20.45 -45.77 -3.62
CA GLY B 90 -19.87 -44.92 -4.69
C GLY B 90 -20.80 -43.80 -5.10
N TYR B 91 -20.49 -43.16 -6.24
CA TYR B 91 -21.26 -42.01 -6.70
C TYR B 91 -21.53 -42.10 -8.20
N VAL B 92 -22.59 -41.41 -8.59
CA VAL B 92 -22.90 -41.16 -9.98
C VAL B 92 -22.21 -39.84 -10.35
N GLN B 93 -21.42 -39.83 -11.43
CA GLN B 93 -20.80 -38.57 -11.94
C GLN B 93 -21.43 -38.26 -13.31
N GLU B 94 -22.15 -37.14 -13.39
CA GLU B 94 -22.76 -36.70 -14.60
C GLU B 94 -22.12 -35.39 -15.05
N ARG B 95 -21.98 -35.19 -16.37
CA ARG B 95 -21.45 -33.93 -16.84
C ARG B 95 -22.12 -33.58 -18.14
N THR B 96 -22.13 -32.28 -18.46
CA THR B 96 -22.28 -31.81 -19.80
C THR B 96 -21.04 -31.00 -20.14
N ILE B 97 -20.46 -31.28 -21.30
CA ILE B 97 -19.26 -30.59 -21.70
C ILE B 97 -19.56 -29.86 -23.01
N PHE B 98 -19.45 -28.53 -22.99
CA PHE B 98 -19.76 -27.69 -24.12
C PHE B 98 -18.47 -27.26 -24.79
N PHE B 99 -18.26 -27.78 -26.00
CA PHE B 99 -17.12 -27.40 -26.80
C PHE B 99 -17.51 -26.08 -27.49
N LYS B 100 -16.71 -25.03 -27.29
CA LYS B 100 -17.06 -23.72 -27.85
C LYS B 100 -17.16 -23.82 -29.38
N ASP B 101 -18.29 -23.38 -29.94
CA ASP B 101 -18.54 -23.34 -31.42
C ASP B 101 -18.50 -24.75 -32.05
N ASP B 102 -18.83 -25.75 -31.25
CA ASP B 102 -18.97 -27.12 -31.69
C ASP B 102 -20.07 -27.73 -30.84
N GLY B 103 -20.13 -29.06 -30.80
CA GLY B 103 -21.19 -29.75 -30.05
C GLY B 103 -20.87 -29.92 -28.56
N ASN B 104 -21.63 -30.83 -27.96
CA ASN B 104 -21.48 -31.18 -26.56
C ASN B 104 -21.48 -32.70 -26.32
N TYR B 105 -20.74 -33.08 -25.27
CA TYR B 105 -20.82 -34.39 -24.65
C TYR B 105 -21.75 -34.32 -23.42
N LYS B 106 -22.56 -35.34 -23.23
CA LYS B 106 -23.20 -35.65 -21.96
C LYS B 106 -22.75 -37.02 -21.48
N THR B 107 -22.38 -37.11 -20.20
CA THR B 107 -21.78 -38.31 -19.65
C THR B 107 -22.46 -38.69 -18.33
N ARG B 108 -22.59 -40.00 -18.13
CA ARG B 108 -23.08 -40.54 -16.89
C ARG B 108 -22.19 -41.71 -16.55
N ALA B 109 -21.62 -41.64 -15.36
CA ALA B 109 -20.74 -42.68 -14.92
C ALA B 109 -21.14 -43.12 -13.50
N GLU B 110 -20.87 -44.39 -13.19
CA GLU B 110 -20.91 -44.89 -11.84
C GLU B 110 -19.49 -45.19 -11.42
N VAL B 111 -19.07 -44.61 -10.30
CA VAL B 111 -17.75 -44.86 -9.74
C VAL B 111 -17.95 -45.56 -8.39
N LYS B 112 -17.44 -46.80 -8.30
CA LYS B 112 -17.63 -47.61 -7.10
C LYS B 112 -16.60 -48.73 -7.04
N PHE B 113 -16.56 -49.36 -5.88
CA PHE B 113 -15.74 -50.54 -5.63
C PHE B 113 -16.49 -51.79 -6.08
N GLU B 114 -15.78 -52.67 -6.83
CA GLU B 114 -16.21 -54.04 -7.09
C GLU B 114 -15.30 -55.01 -6.33
N GLY B 115 -13.99 -55.00 -6.61
CA GLY B 115 -13.04 -55.61 -5.67
C GLY B 115 -13.04 -54.81 -4.36
N ASP B 116 -11.87 -54.40 -3.80
CA ASP B 116 -10.45 -54.51 -4.16
C ASP B 116 -10.08 -53.76 -5.46
N THR B 117 -11.06 -53.24 -6.22
CA THR B 117 -10.85 -52.55 -7.54
C THR B 117 -11.87 -51.41 -7.65
N LEU B 118 -11.37 -50.20 -7.90
CA LEU B 118 -12.23 -49.09 -8.13
C LEU B 118 -12.55 -48.99 -9.62
N VAL B 119 -13.84 -48.97 -9.91
CA VAL B 119 -14.32 -49.06 -11.26
C VAL B 119 -15.12 -47.81 -11.64
N ASN B 120 -14.74 -47.21 -12.78
CA ASN B 120 -15.46 -46.10 -13.42
C ASN B 120 -16.15 -46.61 -14.69
N ARG B 121 -17.47 -46.65 -14.70
CA ARG B 121 -18.25 -47.13 -15.88
C ARG B 121 -19.05 -45.98 -16.47
N ILE B 122 -18.93 -45.74 -17.78
CA ILE B 122 -19.37 -44.48 -18.37
C ILE B 122 -20.14 -44.71 -19.66
N GLU B 123 -21.25 -44.00 -19.83
CA GLU B 123 -21.85 -43.83 -21.16
C GLU B 123 -21.71 -42.35 -21.52
N LEU B 124 -21.38 -42.08 -22.78
CA LEU B 124 -21.10 -40.75 -23.29
C LEU B 124 -21.91 -40.54 -24.55
N LYS B 125 -22.65 -39.45 -24.64
CA LYS B 125 -23.46 -39.16 -25.85
C LYS B 125 -23.03 -37.76 -26.34
N GLY B 126 -22.56 -37.68 -27.59
CA GLY B 126 -22.18 -36.43 -28.21
C GLY B 126 -23.11 -36.04 -29.34
N ILE B 127 -23.58 -34.79 -29.38
CA ILE B 127 -24.49 -34.32 -30.46
C ILE B 127 -23.99 -32.96 -30.97
N ASP B 128 -24.50 -32.60 -32.17
CA ASP B 128 -24.35 -31.34 -32.86
C ASP B 128 -22.88 -31.02 -33.14
N PHE B 129 -22.01 -32.02 -33.32
CA PHE B 129 -20.64 -31.68 -33.68
C PHE B 129 -20.56 -31.47 -35.21
N LYS B 130 -19.56 -30.71 -35.62
CA LYS B 130 -19.26 -30.47 -37.02
C LYS B 130 -18.36 -31.58 -37.54
N GLU B 131 -18.73 -32.21 -38.67
CA GLU B 131 -17.96 -33.37 -39.16
C GLU B 131 -16.53 -32.96 -39.50
N ASP B 132 -16.35 -31.71 -39.94
CA ASP B 132 -15.03 -31.14 -40.09
C ASP B 132 -15.07 -29.90 -39.20
N GLY B 133 -14.29 -29.97 -38.14
CA GLY B 133 -14.47 -29.23 -36.89
C GLY B 133 -13.33 -29.76 -36.04
N ASN B 134 -13.01 -29.20 -34.87
CA ASN B 134 -11.74 -29.58 -34.29
C ASN B 134 -11.82 -30.96 -33.62
N ILE B 135 -13.04 -31.41 -33.30
CA ILE B 135 -13.21 -32.68 -32.61
C ILE B 135 -13.33 -33.79 -33.66
N LEU B 136 -14.35 -33.77 -34.52
CA LEU B 136 -14.49 -34.90 -35.41
C LEU B 136 -13.46 -34.91 -36.53
N GLY B 137 -12.83 -33.74 -36.79
CA GLY B 137 -11.72 -33.61 -37.74
C GLY B 137 -10.35 -33.87 -37.11
N HIS B 138 -10.27 -34.19 -35.82
CA HIS B 138 -8.98 -34.49 -35.14
C HIS B 138 -7.95 -33.36 -35.30
N LYS B 139 -8.28 -32.17 -34.84
CA LYS B 139 -7.40 -31.02 -35.02
C LYS B 139 -6.89 -30.51 -33.67
N LEU B 140 -6.80 -31.39 -32.66
CA LEU B 140 -6.27 -31.00 -31.32
C LEU B 140 -4.95 -31.70 -31.07
N GLU B 141 -4.05 -31.03 -30.38
CA GLU B 141 -2.76 -31.59 -30.12
C GLU B 141 -2.92 -32.66 -29.07
N TYR B 142 -1.96 -33.56 -29.02
CA TYR B 142 -1.91 -34.55 -28.03
C TYR B 142 -0.87 -34.13 -26.98
N ASN B 143 -1.26 -33.17 -26.14
CA ASN B 143 -0.45 -32.63 -25.01
C ASN B 143 -1.21 -32.69 -23.68
N ALA B 144 -0.43 -32.51 -22.62
CA ALA B 144 -0.92 -32.20 -21.31
C ALA B 144 -2.23 -31.38 -21.31
N ILE B 145 -3.04 -31.61 -20.28
CA ILE B 145 -4.12 -30.64 -19.92
C ILE B 145 -4.01 -30.39 -18.42
N HIS B 146 -4.51 -29.23 -18.01
CA HIS B 146 -4.47 -28.86 -16.59
C HIS B 146 -5.62 -27.88 -16.30
N GLY B 147 -6.00 -27.81 -15.02
CA GLY B 147 -7.14 -27.00 -14.65
C GLY B 147 -7.50 -27.19 -13.20
N ASN B 148 -8.37 -26.32 -12.75
CA ASN B 148 -8.87 -26.32 -11.44
C ASN B 148 -10.37 -26.63 -11.51
N VAL B 149 -10.79 -27.62 -10.72
CA VAL B 149 -12.14 -28.08 -10.71
C VAL B 149 -12.83 -27.47 -9.48
N TYR B 150 -13.69 -26.48 -9.72
CA TYR B 150 -14.28 -25.70 -8.61
C TYR B 150 -15.53 -26.41 -8.11
N ILE B 151 -15.49 -26.86 -6.85
CA ILE B 151 -16.51 -27.68 -6.24
C ILE B 151 -17.35 -26.83 -5.26
N THR B 152 -18.68 -26.97 -5.33
CA THR B 152 -19.59 -26.44 -4.31
C THR B 152 -20.50 -27.57 -3.86
N ALA B 153 -21.03 -27.45 -2.65
CA ALA B 153 -22.05 -28.40 -2.11
C ALA B 153 -23.36 -28.27 -2.88
N ASP B 154 -24.08 -29.37 -2.99
CA ASP B 154 -25.44 -29.42 -3.56
C ASP B 154 -26.32 -30.17 -2.55
N LYS B 155 -26.75 -29.45 -1.52
CA LYS B 155 -27.45 -30.03 -0.35
C LYS B 155 -28.74 -30.75 -0.82
N GLN B 156 -29.40 -30.24 -1.87
CA GLN B 156 -30.68 -30.82 -2.33
C GLN B 156 -30.52 -32.17 -3.03
N LYS B 157 -29.30 -32.53 -3.45
CA LYS B 157 -29.04 -33.89 -3.99
C LYS B 157 -28.12 -34.69 -3.04
N ASN B 158 -27.77 -34.12 -1.91
CA ASN B 158 -26.81 -34.71 -0.95
C ASN B 158 -25.46 -34.99 -1.62
N GLY B 159 -24.99 -34.01 -2.40
CA GLY B 159 -23.91 -34.24 -3.30
C GLY B 159 -23.12 -32.95 -3.53
N ILE B 160 -22.46 -32.90 -4.68
CA ILE B 160 -21.67 -31.71 -5.06
C ILE B 160 -21.98 -31.37 -6.52
N LYS B 161 -21.66 -30.15 -6.88
CA LYS B 161 -21.54 -29.68 -8.27
C LYS B 161 -20.10 -29.18 -8.48
N ALA B 162 -19.67 -29.15 -9.73
CA ALA B 162 -18.45 -28.57 -10.06
C ALA B 162 -18.48 -27.96 -11.44
N ASN B 163 -17.60 -26.97 -11.65
CA ASN B 163 -17.55 -26.14 -12.80
C ASN B 163 -16.09 -25.92 -13.18
N PHE B 164 -15.76 -25.97 -14.46
CA PHE B 164 -14.45 -25.61 -14.89
C PHE B 164 -14.43 -25.51 -16.40
N GLY B 165 -13.51 -24.68 -16.88
CA GLY B 165 -13.20 -24.51 -18.24
C GLY B 165 -11.89 -25.20 -18.50
N LEU B 166 -11.87 -26.05 -19.53
CA LEU B 166 -10.64 -26.73 -19.91
C LEU B 166 -10.28 -26.34 -21.36
N ASN B 167 -9.02 -25.98 -21.52
CA ASN B 167 -8.41 -25.49 -22.74
C ASN B 167 -7.51 -26.58 -23.33
N CYS B 168 -7.71 -26.83 -24.62
CA CYS B 168 -6.83 -27.73 -25.41
C CYS B 168 -6.24 -26.98 -26.61
N ASN B 169 -4.96 -27.17 -26.82
CA ASN B 169 -4.26 -26.56 -27.95
C ASN B 169 -4.76 -27.15 -29.26
N ILE B 170 -5.08 -26.26 -30.20
CA ILE B 170 -5.27 -26.59 -31.65
C ILE B 170 -3.89 -26.81 -32.33
N GLU B 171 -3.18 -25.83 -32.96
CA GLU B 171 -1.77 -26.09 -33.59
C GLU B 171 -0.75 -25.04 -33.09
N VAL B 175 -6.22 -22.42 -29.33
CA VAL B 175 -6.86 -23.24 -28.25
C VAL B 175 -8.36 -23.39 -28.51
N GLN B 176 -8.83 -24.60 -28.11
CA GLN B 176 -10.29 -25.05 -28.05
C GLN B 176 -10.73 -25.11 -26.59
N LEU B 177 -11.88 -24.51 -26.33
CA LEU B 177 -12.46 -24.43 -24.97
C LEU B 177 -13.48 -25.56 -24.81
N ALA B 178 -13.38 -26.25 -23.68
CA ALA B 178 -14.43 -27.21 -23.24
C ALA B 178 -14.96 -26.79 -21.88
N ASP B 179 -16.20 -26.35 -21.85
CA ASP B 179 -16.86 -25.90 -20.62
C ASP B 179 -17.49 -27.10 -19.92
N HIS B 180 -17.01 -27.43 -18.71
CA HIS B 180 -17.53 -28.60 -17.97
C HIS B 180 -18.51 -28.19 -16.87
N TYR B 181 -19.68 -28.81 -16.85
CA TYR B 181 -20.70 -28.67 -15.73
C TYR B 181 -20.86 -30.05 -15.12
N GLN B 182 -20.53 -30.19 -13.84
CA GLN B 182 -20.46 -31.53 -13.22
C GLN B 182 -21.45 -31.61 -12.05
N GLN B 183 -21.93 -32.82 -11.80
CA GLN B 183 -22.91 -33.17 -10.70
C GLN B 183 -22.51 -34.51 -10.11
N ASN B 184 -22.29 -34.63 -8.79
CA ASN B 184 -22.07 -35.95 -8.21
C ASN B 184 -23.18 -36.24 -7.17
N THR B 185 -23.78 -37.43 -7.24
CA THR B 185 -24.73 -37.84 -6.25
C THR B 185 -24.36 -39.23 -5.74
N PRO B 186 -24.53 -39.50 -4.42
CA PRO B 186 -24.12 -40.79 -3.85
C PRO B 186 -25.10 -41.87 -4.29
N ILE B 187 -24.63 -43.11 -4.40
CA ILE B 187 -25.54 -44.17 -4.86
C ILE B 187 -26.38 -44.69 -3.65
N GLY B 188 -25.70 -45.00 -2.54
CA GLY B 188 -26.28 -45.46 -1.27
C GLY B 188 -26.91 -44.33 -0.44
N ASP B 189 -27.77 -44.69 0.53
CA ASP B 189 -28.32 -43.73 1.54
C ASP B 189 -27.24 -43.46 2.59
N GLY B 190 -27.53 -42.57 3.55
CA GLY B 190 -26.68 -42.40 4.71
C GLY B 190 -25.40 -41.62 4.43
N PRO B 191 -24.64 -41.28 5.50
CA PRO B 191 -23.95 -39.99 5.59
C PRO B 191 -22.90 -39.78 4.50
N VAL B 192 -22.76 -38.53 4.04
CA VAL B 192 -21.67 -38.11 3.15
C VAL B 192 -21.18 -36.73 3.60
N LEU B 193 -19.93 -36.43 3.30
CA LEU B 193 -19.36 -35.14 3.57
C LEU B 193 -19.82 -34.12 2.51
N LEU B 194 -20.43 -33.02 2.98
CA LEU B 194 -20.74 -31.85 2.20
C LEU B 194 -19.72 -30.74 2.48
N PRO B 195 -19.05 -30.28 1.41
CA PRO B 195 -17.92 -29.40 1.58
C PRO B 195 -18.20 -27.89 1.43
N ASP B 196 -17.31 -27.15 2.07
CA ASP B 196 -17.18 -25.78 1.73
C ASP B 196 -16.62 -25.70 0.30
N ASN B 197 -16.73 -24.52 -0.29
CA ASN B 197 -16.24 -24.28 -1.60
C ASN B 197 -14.73 -24.54 -1.67
N HIS B 198 -14.31 -25.26 -2.71
CA HIS B 198 -12.93 -25.63 -2.85
C HIS B 198 -12.68 -26.01 -4.32
N TYR B 199 -11.47 -26.48 -4.60
CA TYR B 199 -11.16 -26.91 -5.93
C TYR B 199 -10.13 -28.02 -5.88
N LEU B 200 -10.12 -28.82 -6.94
CA LEU B 200 -9.08 -29.79 -7.21
C LEU B 200 -8.14 -29.20 -8.27
N SER B 201 -6.87 -29.05 -7.92
CA SER B 201 -5.78 -28.62 -8.85
C SER B 201 -5.34 -29.88 -9.61
N THR B 202 -5.56 -29.89 -10.92
CA THR B 202 -5.37 -31.13 -11.66
C THR B 202 -4.40 -30.92 -12.81
N GLN B 203 -3.38 -31.76 -12.82
CA GLN B 203 -2.41 -31.79 -14.00
C GLN B 203 -2.45 -33.20 -14.66
N SER B 204 -2.71 -33.20 -15.97
CA SER B 204 -2.74 -34.44 -16.73
C SER B 204 -1.66 -34.42 -17.83
N LYS B 205 -0.84 -35.49 -17.83
CA LYS B 205 0.18 -35.74 -18.86
C LYS B 205 -0.20 -36.94 -19.73
N LEU B 206 -0.24 -36.72 -21.04
CA LEU B 206 -0.69 -37.72 -22.02
C LEU B 206 0.49 -38.19 -22.86
N SER B 207 0.62 -39.50 -23.01
CA SER B 207 1.71 -40.04 -23.81
C SER B 207 1.27 -41.33 -24.53
N LYS B 208 2.20 -41.94 -25.27
CA LYS B 208 2.04 -43.25 -25.96
C LYS B 208 2.99 -44.28 -25.36
N ASP B 209 2.59 -45.54 -25.55
CA ASP B 209 3.42 -46.75 -25.45
C ASP B 209 3.93 -47.15 -26.85
N PRO B 210 5.24 -46.95 -27.18
CA PRO B 210 5.88 -47.62 -28.32
C PRO B 210 5.51 -49.08 -28.65
N ASN B 211 5.16 -49.92 -27.67
CA ASN B 211 4.81 -51.36 -27.89
C ASN B 211 3.29 -51.63 -27.98
N GLU B 212 2.48 -50.59 -28.29
CA GLU B 212 1.00 -50.74 -28.44
C GLU B 212 0.56 -50.30 -29.85
N LYS B 213 0.00 -51.27 -30.58
CA LYS B 213 -0.57 -51.11 -31.94
C LYS B 213 -1.88 -50.31 -31.91
N ARG B 214 -2.79 -50.64 -30.99
CA ARG B 214 -4.13 -50.02 -30.93
C ARG B 214 -4.03 -48.51 -30.63
N ASP B 215 -5.05 -47.77 -31.08
CA ASP B 215 -5.28 -46.35 -30.72
C ASP B 215 -5.54 -46.36 -29.22
N HIS B 216 -4.85 -45.49 -28.50
CA HIS B 216 -4.64 -45.62 -27.05
C HIS B 216 -4.07 -44.32 -26.51
N MET B 217 -4.04 -44.23 -25.17
CA MET B 217 -3.58 -43.05 -24.40
C MET B 217 -3.00 -43.57 -23.09
N VAL B 218 -1.76 -43.16 -22.78
CA VAL B 218 -1.17 -43.39 -21.48
C VAL B 218 -1.33 -42.08 -20.74
N LEU B 219 -1.72 -42.22 -19.47
CA LEU B 219 -2.09 -41.08 -18.66
C LEU B 219 -1.44 -41.18 -17.29
N LEU B 220 -0.79 -40.08 -16.96
CA LEU B 220 -0.25 -39.79 -15.68
C LEU B 220 -0.84 -38.46 -15.23
N GLU B 221 -1.36 -38.47 -14.01
CA GLU B 221 -2.24 -37.40 -13.58
C GLU B 221 -2.01 -37.18 -12.08
N PHE B 222 -1.92 -35.89 -11.74
CA PHE B 222 -1.92 -35.43 -10.32
C PHE B 222 -3.14 -34.56 -10.05
N VAL B 223 -3.81 -34.87 -8.95
CA VAL B 223 -4.99 -34.20 -8.44
C VAL B 223 -4.78 -33.84 -6.97
N THR B 224 -4.84 -32.55 -6.67
CA THR B 224 -4.68 -32.07 -5.30
C THR B 224 -5.83 -31.12 -4.91
N ALA B 225 -6.51 -31.41 -3.81
CA ALA B 225 -7.52 -30.49 -3.26
C ALA B 225 -6.87 -29.25 -2.64
N ALA B 226 -7.48 -28.08 -2.82
CA ALA B 226 -7.01 -26.85 -2.24
C ALA B 226 -8.22 -25.92 -2.02
N ARG B 227 -8.01 -24.90 -1.20
CA ARG B 227 -9.01 -23.93 -0.89
C ARG B 227 -8.30 -22.60 -0.61
N MET B 228 -8.63 -21.60 -1.42
CA MET B 228 -8.16 -20.28 -1.28
C MET B 228 -8.66 -19.66 0.05
N GLN B 229 -7.70 -19.22 0.86
CA GLN B 229 -7.89 -18.45 2.10
C GLN B 229 -7.04 -17.19 1.99
N VAL B 230 -7.61 -16.05 2.31
CA VAL B 230 -6.95 -14.79 2.27
C VAL B 230 -5.78 -14.70 3.27
N ALA B 231 -5.89 -15.43 4.39
CA ALA B 231 -4.84 -15.44 5.43
C ALA B 231 -3.52 -16.07 4.90
N ASP B 232 -3.59 -16.78 3.77
CA ASP B 232 -2.42 -17.46 3.18
C ASP B 232 -1.76 -16.64 2.06
N ALA B 233 -2.17 -15.40 1.87
CA ALA B 233 -1.58 -14.52 0.88
C ALA B 233 -1.05 -13.27 1.62
N SER B 234 -0.07 -12.62 0.98
CA SER B 234 0.60 -11.47 1.53
C SER B 234 -0.29 -10.26 1.26
N GLU B 235 -0.06 -9.19 2.01
CA GLU B 235 -0.77 -7.96 1.77
C GLU B 235 -0.58 -7.57 0.30
N GLU B 236 0.64 -7.83 -0.18
CA GLU B 236 1.04 -7.39 -1.50
C GLU B 236 0.26 -8.22 -2.55
N GLU B 237 0.23 -9.54 -2.40
CA GLU B 237 -0.55 -10.41 -3.36
C GLU B 237 -2.01 -9.96 -3.38
N LEU B 238 -2.60 -9.63 -2.20
CA LEU B 238 -4.04 -9.32 -2.16
C LEU B 238 -4.28 -7.96 -2.77
N SER B 239 -3.36 -7.04 -2.56
CA SER B 239 -3.52 -5.73 -3.13
C SER B 239 -3.40 -5.83 -4.65
N GLU B 240 -2.45 -6.62 -5.14
CA GLU B 240 -2.33 -6.85 -6.56
C GLU B 240 -3.62 -7.38 -7.16
N CYS B 241 -4.18 -8.39 -6.52
CA CYS B 241 -5.42 -9.02 -7.03
C CYS B 241 -6.53 -7.99 -7.12
N PHE B 242 -6.68 -7.19 -6.05
CA PHE B 242 -7.62 -6.13 -6.00
C PHE B 242 -7.42 -5.14 -7.15
N ARG B 243 -6.17 -4.86 -7.51
N ARG B 243 -6.19 -4.69 -7.47
CA ARG B 243 -5.85 -3.83 -8.52
CA ARG B 243 -6.08 -3.64 -8.60
C ARG B 243 -6.19 -4.31 -9.94
C ARG B 243 -6.15 -4.28 -10.00
N ILE B 244 -6.20 -5.63 -10.13
CA ILE B 244 -6.59 -6.23 -11.41
C ILE B 244 -8.05 -5.88 -11.62
N PHE B 245 -8.84 -5.98 -10.56
CA PHE B 245 -10.25 -5.64 -10.66
C PHE B 245 -10.38 -4.14 -10.79
N ASP B 246 -9.70 -3.38 -9.91
CA ASP B 246 -9.90 -1.94 -9.79
C ASP B 246 -9.03 -1.19 -10.81
N PHE B 247 -9.31 -1.35 -12.11
CA PHE B 247 -8.31 -1.01 -13.11
C PHE B 247 -8.39 0.50 -13.39
N ASP B 248 -9.38 1.20 -12.85
CA ASP B 248 -9.33 2.67 -13.02
C ASP B 248 -8.58 3.30 -11.84
N GLY B 249 -8.13 2.52 -10.86
CA GLY B 249 -7.31 2.98 -9.73
C GLY B 249 -8.03 3.87 -8.66
N ASN B 250 -9.37 3.84 -8.49
CA ASN B 250 -10.00 4.82 -7.65
C ASN B 250 -10.35 4.36 -6.20
N GLY B 251 -9.61 3.42 -5.60
CA GLY B 251 -9.72 2.10 -5.57
C GLY B 251 -10.87 1.52 -4.76
N PHE B 252 -12.00 1.47 -5.47
CA PHE B 252 -13.13 0.64 -5.30
C PHE B 252 -13.37 -0.11 -6.65
N ILE B 253 -14.08 -1.25 -6.60
CA ILE B 253 -14.49 -1.97 -7.79
C ILE B 253 -15.95 -1.64 -8.10
N ASP B 254 -16.22 -1.04 -9.27
CA ASP B 254 -17.59 -0.80 -9.71
C ASP B 254 -18.09 -1.96 -10.59
N ARG B 255 -19.35 -1.85 -11.00
CA ARG B 255 -20.02 -2.91 -11.72
C ARG B 255 -19.42 -3.10 -13.11
N GLU B 256 -18.96 -2.04 -13.80
CA GLU B 256 -18.41 -2.18 -15.14
C GLU B 256 -17.09 -2.91 -15.01
N GLU B 257 -16.34 -2.60 -13.95
CA GLU B 257 -15.01 -3.18 -13.81
C GLU B 257 -15.15 -4.68 -13.54
N PHE B 258 -16.09 -5.02 -12.65
CA PHE B 258 -16.23 -6.38 -12.18
C PHE B 258 -16.67 -7.29 -13.35
N GLY B 259 -17.57 -6.78 -14.17
CA GLY B 259 -17.99 -7.32 -15.44
C GLY B 259 -16.86 -7.85 -16.27
N ASP B 260 -15.88 -7.01 -16.60
CA ASP B 260 -14.81 -7.41 -17.46
C ASP B 260 -13.92 -8.42 -16.73
N ILE B 261 -13.63 -8.21 -15.44
CA ILE B 261 -12.51 -8.92 -14.83
C ILE B 261 -12.96 -10.31 -14.32
N ILE B 262 -14.19 -10.48 -13.76
CA ILE B 262 -14.52 -11.91 -13.36
C ILE B 262 -14.64 -12.75 -14.63
N ARG B 263 -14.89 -12.15 -15.81
CA ARG B 263 -14.94 -12.95 -17.04
C ARG B 263 -13.54 -13.47 -17.41
N LEU B 264 -12.49 -13.13 -16.65
CA LEU B 264 -11.17 -13.77 -16.87
C LEU B 264 -11.04 -15.06 -16.03
N THR B 265 -12.00 -15.40 -15.18
CA THR B 265 -11.89 -16.57 -14.35
C THR B 265 -12.82 -17.66 -14.87
N GLY B 266 -13.16 -17.55 -16.16
CA GLY B 266 -13.95 -18.55 -16.86
C GLY B 266 -15.02 -17.94 -17.74
N GLU B 267 -15.44 -18.71 -18.75
CA GLU B 267 -16.37 -18.28 -19.78
C GLU B 267 -17.80 -18.65 -19.40
N GLN B 268 -18.01 -19.04 -18.13
CA GLN B 268 -19.20 -19.78 -17.67
C GLN B 268 -20.35 -18.86 -17.22
N LEU B 269 -20.16 -17.52 -17.21
CA LEU B 269 -21.02 -16.59 -16.44
C LEU B 269 -21.84 -15.71 -17.40
N THR B 270 -23.15 -15.65 -17.14
CA THR B 270 -24.04 -14.78 -17.87
C THR B 270 -24.06 -13.43 -17.13
N ASP B 271 -24.66 -12.40 -17.74
CA ASP B 271 -24.85 -11.09 -17.11
C ASP B 271 -25.53 -11.20 -15.75
N GLU B 272 -26.42 -12.18 -15.58
CA GLU B 272 -27.22 -12.34 -14.33
C GLU B 272 -26.38 -13.03 -13.25
N ASP B 273 -25.57 -14.01 -13.63
CA ASP B 273 -24.63 -14.61 -12.72
C ASP B 273 -23.74 -13.50 -12.16
N VAL B 274 -23.30 -12.62 -13.06
CA VAL B 274 -22.40 -11.55 -12.73
C VAL B 274 -23.07 -10.57 -11.77
N ASP B 275 -24.31 -10.12 -12.07
CA ASP B 275 -25.08 -9.25 -11.16
C ASP B 275 -25.24 -9.93 -9.79
N GLU B 276 -25.46 -11.25 -9.78
CA GLU B 276 -25.68 -12.00 -8.52
C GLU B 276 -24.41 -11.98 -7.66
N ILE B 277 -23.25 -12.34 -8.23
CA ILE B 277 -22.02 -12.33 -7.46
C ILE B 277 -21.69 -10.89 -7.00
N PHE B 278 -21.89 -9.90 -7.87
CA PHE B 278 -21.62 -8.48 -7.51
C PHE B 278 -22.49 -8.07 -6.32
N GLY B 279 -23.81 -8.30 -6.45
CA GLY B 279 -24.76 -8.02 -5.42
C GLY B 279 -24.43 -8.78 -4.14
N ASP B 280 -24.09 -10.07 -4.21
CA ASP B 280 -23.79 -10.81 -2.96
C ASP B 280 -22.48 -10.31 -2.27
N SER B 281 -21.54 -9.78 -3.06
CA SER B 281 -20.26 -9.40 -2.55
C SER B 281 -20.31 -7.97 -1.98
N ASP B 282 -21.20 -7.12 -2.51
CA ASP B 282 -21.39 -5.74 -2.07
C ASP B 282 -22.31 -5.71 -0.86
N THR B 283 -21.75 -6.09 0.29
CA THR B 283 -22.59 -6.42 1.43
C THR B 283 -23.35 -5.18 1.93
N ASP B 284 -22.84 -3.96 1.74
CA ASP B 284 -23.64 -2.75 2.14
C ASP B 284 -24.44 -2.11 0.97
N LYS B 285 -24.51 -2.74 -0.22
CA LYS B 285 -25.41 -2.29 -1.35
C LYS B 285 -25.14 -0.86 -1.83
N ASN B 286 -23.87 -0.41 -1.84
CA ASN B 286 -23.54 0.98 -2.28
C ASN B 286 -23.10 1.02 -3.76
N GLY B 287 -23.19 -0.11 -4.48
CA GLY B 287 -22.81 -0.17 -5.91
C GLY B 287 -21.30 -0.24 -6.15
N ARG B 288 -20.49 -0.35 -5.09
CA ARG B 288 -19.08 -0.59 -5.23
C ARG B 288 -18.56 -1.62 -4.23
N ILE B 289 -17.50 -2.37 -4.65
CA ILE B 289 -16.91 -3.37 -3.78
C ILE B 289 -15.62 -2.84 -3.15
N ASP B 290 -15.64 -2.68 -1.81
CA ASP B 290 -14.50 -2.04 -1.14
C ASP B 290 -13.49 -3.19 -0.97
N PHE B 291 -12.36 -2.95 -0.32
CA PHE B 291 -11.33 -3.90 -0.13
C PHE B 291 -11.82 -5.03 0.75
N ASP B 292 -12.41 -4.75 1.90
CA ASP B 292 -12.92 -5.85 2.83
C ASP B 292 -13.94 -6.78 2.18
N GLU B 293 -14.84 -6.19 1.38
CA GLU B 293 -15.85 -6.86 0.64
C GLU B 293 -15.15 -7.74 -0.41
N PHE B 294 -14.09 -7.24 -1.02
CA PHE B 294 -13.29 -8.01 -1.93
C PHE B 294 -12.62 -9.20 -1.23
N LEU B 295 -12.08 -9.00 -0.02
CA LEU B 295 -11.42 -10.08 0.67
C LEU B 295 -12.37 -11.25 0.92
N LYS B 296 -13.58 -11.01 1.42
CA LYS B 296 -14.45 -12.16 1.68
C LYS B 296 -14.99 -12.72 0.34
N MET B 297 -15.13 -11.91 -0.71
CA MET B 297 -15.54 -12.40 -2.03
C MET B 297 -14.49 -13.34 -2.62
N VAL B 298 -13.20 -13.11 -2.35
CA VAL B 298 -12.11 -14.04 -2.77
C VAL B 298 -12.28 -15.43 -2.10
N GLU B 299 -12.75 -15.50 -0.85
CA GLU B 299 -12.93 -16.79 -0.24
C GLU B 299 -14.25 -17.45 -0.71
N ASN B 300 -15.28 -16.67 -0.97
CA ASN B 300 -16.59 -17.20 -1.39
C ASN B 300 -16.57 -17.66 -2.83
N VAL B 301 -15.78 -17.01 -3.67
CA VAL B 301 -15.75 -17.31 -5.07
C VAL B 301 -14.34 -17.74 -5.41
N GLN B 302 -14.11 -19.04 -5.24
CA GLN B 302 -12.81 -19.64 -5.20
C GLN B 302 -12.07 -19.40 -6.49
N PRO B 303 -12.68 -19.26 -7.67
CA PRO B 303 -11.85 -19.03 -8.85
C PRO B 303 -11.07 -17.71 -8.92
N ILE B 304 -11.42 -16.70 -8.11
CA ILE B 304 -10.86 -15.34 -8.28
C ILE B 304 -9.33 -15.34 -8.23
N TYR B 305 -8.76 -15.80 -7.11
CA TYR B 305 -7.34 -15.62 -6.91
C TYR B 305 -6.59 -16.66 -7.74
N PRO B 306 -6.89 -17.97 -7.64
CA PRO B 306 -6.14 -18.95 -8.46
C PRO B 306 -6.16 -18.65 -9.95
N GLU B 307 -7.29 -18.19 -10.49
CA GLU B 307 -7.32 -17.92 -11.93
C GLU B 307 -6.63 -16.59 -12.29
N LEU B 308 -6.81 -15.51 -11.50
CA LEU B 308 -6.13 -14.19 -11.83
C LEU B 308 -4.62 -14.23 -11.56
N MET B 309 -4.19 -14.80 -10.43
CA MET B 309 -2.88 -14.65 -9.88
C MET B 309 -2.05 -15.96 -9.87
N GLY B 310 -2.72 -17.12 -9.92
CA GLY B 310 -2.02 -18.43 -9.80
C GLY B 310 -1.26 -18.77 -11.06
N GLY B 311 0.02 -19.16 -10.88
CA GLY B 311 1.02 -19.32 -11.94
C GLY B 311 1.06 -18.19 -12.98
N VAL B 312 1.10 -16.96 -12.47
CA VAL B 312 1.11 -15.73 -13.29
C VAL B 312 2.30 -14.87 -12.86
N GLN B 313 3.03 -14.34 -13.84
CA GLN B 313 4.08 -13.32 -13.60
C GLN B 313 3.44 -12.00 -13.99
N LEU B 314 3.26 -11.13 -12.99
CA LEU B 314 2.69 -9.81 -13.26
C LEU B 314 3.78 -8.88 -13.83
N ALA B 315 3.30 -8.03 -14.74
CA ALA B 315 4.15 -6.98 -15.30
C ALA B 315 3.41 -5.64 -15.27
N ASP B 316 3.80 -4.80 -14.32
CA ASP B 316 3.20 -3.49 -14.08
C ASP B 316 3.74 -2.44 -15.09
N HIS B 317 2.86 -1.94 -15.96
CA HIS B 317 3.17 -1.00 -17.02
C HIS B 317 2.80 0.41 -16.56
N TYR B 318 3.75 1.34 -16.65
CA TYR B 318 3.55 2.77 -16.50
C TYR B 318 3.95 3.37 -17.83
N GLN B 319 3.03 4.12 -18.43
CA GLN B 319 3.15 4.52 -19.78
C GLN B 319 2.85 6.02 -19.88
N GLN B 320 3.47 6.63 -20.87
CA GLN B 320 3.28 8.08 -21.17
C GLN B 320 3.46 8.36 -22.67
N ASN B 321 2.55 9.11 -23.27
CA ASN B 321 2.61 9.46 -24.64
C ASN B 321 2.55 10.97 -24.77
N THR B 322 3.47 11.55 -25.57
CA THR B 322 3.44 12.97 -25.90
C THR B 322 3.56 13.16 -27.40
N PRO B 323 2.98 14.23 -27.96
CA PRO B 323 3.07 14.45 -29.41
C PRO B 323 4.49 14.78 -29.89
N ILE B 324 4.90 14.37 -31.09
CA ILE B 324 6.22 14.85 -31.64
C ILE B 324 6.08 16.26 -32.21
N GLY B 325 5.04 16.47 -33.03
CA GLY B 325 4.77 17.77 -33.67
C GLY B 325 4.00 18.72 -32.76
N ASP B 326 4.18 20.03 -32.97
CA ASP B 326 3.61 21.06 -32.07
C ASP B 326 2.22 21.51 -32.56
N GLY B 327 1.65 20.84 -33.58
CA GLY B 327 0.27 21.08 -34.05
C GLY B 327 -0.74 20.50 -33.08
N PRO B 328 -2.02 20.93 -33.08
CA PRO B 328 -2.94 20.56 -32.01
C PRO B 328 -3.36 19.08 -31.98
N VAL B 329 -3.66 18.54 -30.80
CA VAL B 329 -4.06 17.13 -30.59
C VAL B 329 -5.35 17.06 -29.80
N LEU B 330 -5.94 15.89 -29.70
CA LEU B 330 -7.15 15.63 -28.88
C LEU B 330 -6.76 15.02 -27.54
N LEU B 331 -7.12 15.68 -26.44
CA LEU B 331 -6.83 15.18 -25.07
C LEU B 331 -8.07 14.53 -24.51
N PRO B 332 -8.04 13.23 -24.18
CA PRO B 332 -9.26 12.52 -23.87
C PRO B 332 -9.72 12.64 -22.43
N ASP B 333 -11.00 12.38 -22.26
CA ASP B 333 -11.64 12.01 -21.06
C ASP B 333 -11.18 10.61 -20.70
N ASN B 334 -11.38 10.23 -19.44
CA ASN B 334 -10.92 8.95 -18.98
C ASN B 334 -11.65 7.84 -19.73
N HIS B 335 -10.95 6.73 -19.99
CA HIS B 335 -11.49 5.60 -20.79
C HIS B 335 -10.44 4.50 -20.87
N TYR B 336 -10.77 3.40 -21.53
CA TYR B 336 -9.84 2.33 -21.66
C TYR B 336 -9.91 1.68 -23.05
N LEU B 337 -8.81 0.97 -23.36
CA LEU B 337 -8.64 0.16 -24.55
C LEU B 337 -8.64 -1.30 -24.10
N SER B 338 -9.53 -2.05 -24.72
CA SER B 338 -9.67 -3.45 -24.48
C SER B 338 -8.80 -4.19 -25.49
N TYR B 339 -7.83 -4.94 -24.99
CA TYR B 339 -6.83 -5.62 -25.84
C TYR B 339 -7.11 -7.12 -25.84
N GLN B 340 -7.15 -7.72 -27.04
CA GLN B 340 -6.96 -9.23 -27.17
C GLN B 340 -5.84 -9.55 -28.19
N SER B 341 -5.11 -10.62 -27.90
CA SER B 341 -3.80 -10.87 -28.53
C SER B 341 -3.63 -12.36 -28.88
N LYS B 342 -3.24 -12.61 -30.13
CA LYS B 342 -2.84 -13.98 -30.55
C LYS B 342 -1.37 -13.98 -30.97
N LEU B 343 -0.65 -14.86 -30.30
CA LEU B 343 0.73 -15.14 -30.65
C LEU B 343 0.83 -16.44 -31.47
N SER B 344 1.53 -16.46 -32.61
CA SER B 344 1.71 -17.72 -33.36
C SER B 344 3.10 -17.71 -34.02
N LYS B 345 3.37 -18.70 -34.90
CA LYS B 345 4.62 -18.98 -35.59
C LYS B 345 4.35 -19.18 -37.08
N ASP B 346 5.14 -18.52 -37.91
CA ASP B 346 5.31 -18.88 -39.29
C ASP B 346 6.08 -20.20 -39.42
N PRO B 347 5.46 -21.28 -39.95
CA PRO B 347 6.17 -22.56 -40.13
C PRO B 347 7.35 -22.55 -41.14
N ASN B 348 7.48 -21.50 -41.98
CA ASN B 348 8.54 -21.31 -42.98
C ASN B 348 9.69 -20.40 -42.51
N GLU B 349 9.53 -19.72 -41.38
CA GLU B 349 10.57 -18.84 -40.87
C GLU B 349 11.42 -19.65 -39.91
N LYS B 350 12.73 -19.64 -40.17
CA LYS B 350 13.70 -20.44 -39.44
C LYS B 350 14.35 -19.54 -38.36
N ARG B 351 14.31 -18.20 -38.52
CA ARG B 351 14.78 -17.31 -37.52
C ARG B 351 13.80 -17.25 -36.34
N ASP B 352 14.29 -16.85 -35.18
CA ASP B 352 13.47 -16.71 -33.98
C ASP B 352 12.48 -15.56 -34.25
N HIS B 353 11.17 -15.78 -34.01
CA HIS B 353 10.19 -14.75 -34.48
C HIS B 353 8.86 -14.90 -33.78
N MET B 354 8.03 -13.89 -33.97
CA MET B 354 6.65 -13.91 -33.41
C MET B 354 5.70 -13.31 -34.44
N VAL B 355 4.61 -14.06 -34.69
CA VAL B 355 3.45 -13.53 -35.40
C VAL B 355 2.48 -13.05 -34.32
N LEU B 356 2.23 -11.74 -34.35
CA LEU B 356 1.36 -11.12 -33.37
C LEU B 356 0.10 -10.59 -34.06
N LEU B 357 -1.06 -11.09 -33.60
CA LEU B 357 -2.40 -10.48 -34.01
C LEU B 357 -3.01 -9.79 -32.77
N GLU B 358 -3.31 -8.50 -32.89
CA GLU B 358 -4.11 -7.93 -31.78
C GLU B 358 -5.41 -7.23 -32.21
N PHE B 359 -6.44 -7.49 -31.40
CA PHE B 359 -7.79 -6.88 -31.48
C PHE B 359 -7.86 -5.79 -30.36
N VAL B 360 -8.09 -4.54 -30.75
CA VAL B 360 -8.10 -3.38 -29.84
C VAL B 360 -9.37 -2.54 -30.03
N THR B 361 -10.23 -2.44 -29.01
CA THR B 361 -11.39 -1.48 -29.12
C THR B 361 -11.46 -0.56 -27.90
N ALA B 362 -11.77 0.70 -28.13
CA ALA B 362 -11.97 1.72 -27.05
C ALA B 362 -13.36 1.52 -26.40
N ALA B 363 -13.40 1.53 -25.06
CA ALA B 363 -14.61 1.40 -24.23
C ALA B 363 -14.54 2.37 -23.04
N GLY B 364 -15.65 2.46 -22.29
CA GLY B 364 -15.70 2.97 -20.93
C GLY B 364 -16.16 4.40 -20.81
N ILE B 365 -16.56 5.07 -21.89
CA ILE B 365 -17.27 6.27 -21.68
C ILE B 365 -18.72 5.98 -22.08
N THR B 366 -19.58 6.73 -21.39
CA THR B 366 -21.01 6.48 -21.19
C THR B 366 -21.77 6.45 -22.55
N LEU B 367 -21.70 7.54 -23.36
CA LEU B 367 -22.53 7.88 -24.59
C LEU B 367 -23.69 8.84 -24.26
N GLY B 368 -24.06 8.94 -22.96
CA GLY B 368 -25.11 9.83 -22.40
C GLY B 368 -24.69 11.28 -22.19
N MET B 369 -25.49 12.21 -22.77
CA MET B 369 -25.55 13.70 -22.57
C MET B 369 -27.01 14.15 -22.69
N LYS B 384 -8.92 14.51 -37.39
CA LYS B 384 -8.09 15.34 -38.32
C LYS B 384 -7.14 14.37 -39.06
N GLY B 385 -6.19 13.81 -38.29
CA GLY B 385 -5.35 12.68 -38.73
C GLY B 385 -6.05 11.33 -38.61
N GLU B 386 -7.30 11.30 -38.17
CA GLU B 386 -8.16 10.09 -38.18
C GLU B 386 -8.25 9.58 -39.64
N GLU B 387 -8.08 10.51 -40.60
CA GLU B 387 -8.24 10.23 -42.05
C GLU B 387 -7.22 9.20 -42.53
N LEU B 388 -6.02 9.18 -41.93
CA LEU B 388 -4.88 8.38 -42.35
C LEU B 388 -5.09 6.88 -42.09
N PHE B 389 -6.14 6.49 -41.35
CA PHE B 389 -6.35 5.10 -40.92
C PHE B 389 -7.67 4.54 -41.48
N THR B 390 -8.23 5.19 -42.50
CA THR B 390 -9.59 4.83 -43.04
C THR B 390 -9.58 3.41 -43.61
N GLY B 391 -8.56 3.10 -44.43
CA GLY B 391 -8.27 1.75 -44.93
C GLY B 391 -7.10 1.09 -44.21
N VAL B 392 -6.48 0.11 -44.89
CA VAL B 392 -5.46 -0.81 -44.33
C VAL B 392 -4.08 -0.15 -44.47
N VAL B 393 -3.31 -0.06 -43.36
CA VAL B 393 -2.02 0.69 -43.33
C VAL B 393 -0.85 -0.26 -43.02
N PRO B 394 0.23 -0.16 -43.84
CA PRO B 394 1.44 -0.95 -43.63
C PRO B 394 2.30 -0.44 -42.48
N ILE B 395 2.79 -1.40 -41.67
CA ILE B 395 3.58 -1.09 -40.45
C ILE B 395 5.04 -1.58 -40.60
N LEU B 396 5.97 -0.77 -40.13
CA LEU B 396 7.39 -1.13 -39.89
C LEU B 396 7.71 -1.01 -38.40
N VAL B 397 8.27 -2.07 -37.82
CA VAL B 397 8.66 -2.04 -36.40
C VAL B 397 10.15 -2.36 -36.22
N GLU B 398 10.84 -1.49 -35.47
CA GLU B 398 12.28 -1.64 -35.14
C GLU B 398 12.50 -1.53 -33.63
N LEU B 399 13.01 -2.61 -33.01
CA LEU B 399 13.35 -2.56 -31.59
C LEU B 399 14.84 -2.88 -31.40
N ASP B 400 15.52 -2.04 -30.68
CA ASP B 400 16.89 -2.34 -30.21
C ASP B 400 16.87 -2.43 -28.67
N GLY B 401 17.36 -3.53 -28.13
CA GLY B 401 17.27 -3.75 -26.73
C GLY B 401 18.57 -4.18 -26.08
N ASP B 402 18.62 -3.99 -24.76
CA ASP B 402 19.72 -4.49 -23.91
C ASP B 402 19.10 -4.91 -22.58
N VAL B 403 19.09 -6.22 -22.31
CA VAL B 403 18.58 -6.72 -21.03
C VAL B 403 19.70 -7.40 -20.25
N ASN B 404 20.11 -6.80 -19.11
CA ASN B 404 21.23 -7.25 -18.26
C ASN B 404 22.47 -7.45 -19.12
N GLY B 405 22.76 -6.51 -20.04
CA GLY B 405 23.93 -6.61 -20.87
C GLY B 405 23.74 -7.48 -22.12
N HIS B 406 22.61 -8.20 -22.27
CA HIS B 406 22.33 -9.05 -23.43
C HIS B 406 21.66 -8.21 -24.54
N LYS B 407 22.37 -7.99 -25.64
CA LYS B 407 21.92 -7.11 -26.70
C LYS B 407 21.03 -7.89 -27.67
N PHE B 408 20.01 -7.21 -28.21
CA PHE B 408 19.27 -7.83 -29.25
C PHE B 408 18.53 -6.77 -30.09
N SER B 409 18.14 -7.21 -31.28
CA SER B 409 17.42 -6.39 -32.22
C SER B 409 16.23 -7.20 -32.75
N VAL B 410 15.10 -6.51 -32.89
CA VAL B 410 13.92 -7.09 -33.51
C VAL B 410 13.49 -6.18 -34.69
N ARG B 411 13.08 -6.80 -35.79
CA ARG B 411 12.65 -6.03 -36.97
C ARG B 411 11.36 -6.67 -37.45
N GLY B 412 10.35 -5.84 -37.68
CA GLY B 412 9.03 -6.39 -38.07
C GLY B 412 8.31 -5.59 -39.14
N GLU B 413 7.35 -6.26 -39.73
CA GLU B 413 6.46 -5.71 -40.74
C GLU B 413 5.05 -6.27 -40.53
N GLY B 414 4.07 -5.53 -41.04
CA GLY B 414 2.71 -6.03 -41.12
C GLY B 414 1.72 -4.94 -41.52
N GLU B 415 0.51 -5.09 -41.01
CA GLU B 415 -0.61 -4.28 -41.45
C GLU B 415 -1.53 -3.99 -40.28
N GLY B 416 -1.98 -2.72 -40.22
CA GLY B 416 -2.98 -2.27 -39.25
C GLY B 416 -4.28 -1.82 -39.92
N ASP B 417 -5.39 -2.32 -39.39
CA ASP B 417 -6.72 -1.95 -39.86
C ASP B 417 -7.55 -1.27 -38.73
N ALA B 418 -7.50 0.07 -38.68
CA ALA B 418 -8.13 0.83 -37.57
C ALA B 418 -9.65 0.64 -37.49
N THR B 419 -10.33 0.56 -38.64
CA THR B 419 -11.76 0.54 -38.65
C THR B 419 -12.28 -0.78 -38.07
N ASN B 420 -11.51 -1.86 -38.09
CA ASN B 420 -11.86 -3.12 -37.28
C ASN B 420 -10.99 -3.30 -36.04
N GLY B 421 -10.21 -2.27 -35.67
CA GLY B 421 -9.22 -2.38 -34.57
C GLY B 421 -8.41 -3.68 -34.53
N LYS B 422 -7.76 -3.96 -35.66
CA LYS B 422 -7.03 -5.21 -35.88
C LYS B 422 -5.60 -4.79 -36.28
N LEU B 423 -4.57 -5.47 -35.76
CA LEU B 423 -3.29 -5.43 -36.49
C LEU B 423 -2.61 -6.79 -36.46
N THR B 424 -1.81 -7.01 -37.49
CA THR B 424 -0.97 -8.22 -37.63
C THR B 424 0.47 -7.76 -37.90
N LEU B 425 1.38 -8.44 -37.22
CA LEU B 425 2.81 -8.23 -37.37
C LEU B 425 3.53 -9.57 -37.39
N LYS B 426 4.57 -9.63 -38.24
CA LYS B 426 5.62 -10.64 -38.13
C LYS B 426 6.91 -9.96 -37.67
N LEU B 427 7.45 -10.48 -36.57
CA LEU B 427 8.58 -9.76 -35.88
C LEU B 427 9.70 -10.77 -35.75
N ILE B 428 10.87 -10.38 -36.28
CA ILE B 428 12.07 -11.25 -36.40
C ILE B 428 13.14 -10.78 -35.43
N CYS B 429 13.74 -11.70 -34.69
CA CYS B 429 15.00 -11.37 -34.03
C CYS B 429 16.17 -11.46 -35.05
N THR B 430 16.76 -10.31 -35.35
CA THR B 430 17.77 -10.08 -36.37
C THR B 430 19.18 -10.42 -35.84
N THR B 431 19.27 -10.69 -34.54
CA THR B 431 20.43 -10.76 -33.73
C THR B 431 20.69 -12.22 -33.35
N GLY B 432 19.90 -13.16 -33.84
CA GLY B 432 20.04 -14.57 -33.47
C GLY B 432 18.91 -14.96 -32.55
N LYS B 433 19.28 -15.48 -31.39
CA LYS B 433 18.30 -15.95 -30.43
C LYS B 433 17.96 -14.78 -29.49
N LEU B 434 16.66 -14.55 -29.33
CA LEU B 434 16.10 -13.55 -28.41
C LEU B 434 16.37 -14.00 -26.97
N PRO B 435 17.09 -13.20 -26.16
CA PRO B 435 17.43 -13.55 -24.79
C PRO B 435 16.30 -13.33 -23.75
N VAL B 436 15.14 -12.87 -24.17
CA VAL B 436 13.93 -12.85 -23.32
C VAL B 436 12.76 -13.48 -24.06
N PRO B 437 11.67 -13.89 -23.38
CA PRO B 437 10.52 -14.47 -24.06
C PRO B 437 9.83 -13.40 -24.87
N TRP B 438 9.36 -13.80 -26.03
CA TRP B 438 8.63 -12.91 -26.92
C TRP B 438 7.46 -12.24 -26.22
N PRO B 439 6.66 -12.93 -25.39
CA PRO B 439 5.53 -12.25 -24.71
C PRO B 439 5.92 -11.05 -23.84
N THR B 440 7.17 -11.02 -23.33
CA THR B 440 7.55 -9.85 -22.53
C THR B 440 7.68 -8.59 -23.37
N LEU B 441 7.70 -8.74 -24.71
CA LEU B 441 7.91 -7.63 -25.66
C LEU B 441 6.64 -7.24 -26.40
N VAL B 442 5.56 -7.99 -26.18
CA VAL B 442 4.32 -7.73 -26.94
C VAL B 442 3.87 -6.26 -26.73
N THR B 443 3.85 -5.76 -25.48
CA THR B 443 3.32 -4.41 -25.29
C THR B 443 4.21 -3.36 -25.91
N THR B 444 5.52 -3.62 -25.91
CA THR B 444 6.47 -2.69 -26.47
C THR B 444 6.34 -2.65 -28.00
N LEU B 445 6.23 -3.82 -28.63
CA LEU B 445 6.23 -3.97 -30.07
C LEU B 445 4.85 -3.58 -30.65
N1 CR2 B 446 3.62 -3.86 -30.04
CA1 CR2 B 446 2.23 -3.53 -30.39
C1 CR2 B 446 1.65 -2.86 -29.18
N2 CR2 B 446 0.84 -3.50 -28.24
N3 CR2 B 446 1.95 -1.58 -28.88
C2 CR2 B 446 1.41 -1.37 -27.68
O2 CR2 B 446 1.45 -0.27 -26.98
CA2 CR2 B 446 0.62 -2.56 -27.31
CA3 CR2 B 446 2.86 -0.65 -29.52
C3 CR2 B 446 2.34 0.49 -30.36
O3 CR2 B 446 3.21 1.46 -30.33
CB2 CR2 B 446 -0.14 -2.68 -26.05
CG2 CR2 B 446 -0.86 -3.87 -25.53
CD1 CR2 B 446 -0.85 -5.14 -26.10
CD2 CR2 B 446 -1.50 -3.68 -24.31
CE1 CR2 B 446 -1.54 -6.18 -25.44
CE2 CR2 B 446 -2.18 -4.71 -23.67
CZ CR2 B 446 -2.23 -5.99 -24.18
OH CR2 B 446 -2.94 -6.99 -23.46
N LEU B 447 1.18 0.13 -30.88
CA LEU B 447 0.52 0.77 -32.03
C LEU B 447 -0.95 1.00 -31.65
N MET B 448 -1.12 1.87 -30.66
CA MET B 448 -2.46 2.11 -30.07
C MET B 448 -3.30 2.97 -31.03
N CYS B 449 -2.66 3.57 -32.04
CA CYS B 449 -3.32 4.29 -33.12
C CYS B 449 -4.19 3.36 -33.99
N PHE B 450 -4.09 2.04 -33.86
CA PHE B 450 -4.99 1.15 -34.62
C PHE B 450 -6.15 0.68 -33.74
N ALA B 451 -6.37 1.33 -32.61
CA ALA B 451 -7.57 1.04 -31.82
C ALA B 451 -8.83 1.43 -32.64
N ARG B 452 -9.90 0.66 -32.50
CA ARG B 452 -11.24 1.12 -32.95
C ARG B 452 -11.88 1.97 -31.85
N TYR B 453 -12.01 3.28 -32.09
CA TYR B 453 -12.80 4.14 -31.22
C TYR B 453 -14.23 4.19 -31.77
N PRO B 454 -15.24 3.75 -31.00
CA PRO B 454 -16.65 3.94 -31.37
C PRO B 454 -16.96 5.39 -31.71
N ASP B 455 -18.08 5.60 -32.42
CA ASP B 455 -18.41 6.91 -33.00
C ASP B 455 -18.67 7.94 -31.89
N HIS B 456 -19.19 7.50 -30.74
CA HIS B 456 -19.41 8.40 -29.60
C HIS B 456 -18.11 8.76 -28.88
N MET B 457 -16.96 8.19 -29.29
CA MET B 457 -15.66 8.42 -28.56
C MET B 457 -14.57 8.98 -29.48
N LYS B 458 -14.90 9.29 -30.74
CA LYS B 458 -13.89 9.70 -31.70
C LYS B 458 -13.08 10.90 -31.20
N GLN B 459 -13.69 11.74 -30.36
CA GLN B 459 -13.07 12.97 -29.87
C GLN B 459 -12.11 12.66 -28.71
N HIS B 460 -11.96 11.38 -28.34
CA HIS B 460 -11.07 10.91 -27.25
C HIS B 460 -9.83 10.11 -27.76
N ASP B 461 -9.51 10.20 -29.07
CA ASP B 461 -8.48 9.34 -29.69
C ASP B 461 -7.23 10.17 -29.86
N PHE B 462 -6.41 10.18 -28.84
CA PHE B 462 -5.20 11.01 -28.87
C PHE B 462 -4.24 10.51 -29.97
N PHE B 463 -4.17 9.18 -30.07
CA PHE B 463 -3.18 8.47 -30.86
C PHE B 463 -3.26 8.87 -32.34
N LYS B 464 -4.47 8.76 -32.94
CA LYS B 464 -4.67 9.17 -34.33
C LYS B 464 -4.52 10.69 -34.45
N SER B 465 -4.94 11.46 -33.44
CA SER B 465 -4.95 12.88 -33.55
C SER B 465 -3.52 13.41 -33.71
N ALA B 466 -2.50 12.67 -33.28
CA ALA B 466 -1.11 13.23 -33.34
C ALA B 466 -0.43 12.90 -34.68
N MET B 467 -1.08 12.10 -35.52
CA MET B 467 -0.54 11.71 -36.83
C MET B 467 -0.81 12.83 -37.84
N PRO B 468 0.14 13.11 -38.76
CA PRO B 468 1.18 12.18 -39.13
C PRO B 468 2.51 12.36 -38.39
N GLU B 469 2.75 13.51 -37.75
CA GLU B 469 4.05 13.74 -37.09
C GLU B 469 4.28 12.72 -35.96
N GLY B 470 3.22 12.31 -35.26
CA GLY B 470 3.22 11.11 -34.40
C GLY B 470 3.48 11.41 -32.92
N TYR B 471 3.76 10.35 -32.14
CA TYR B 471 3.95 10.48 -30.71
C TYR B 471 5.15 9.67 -30.18
N VAL B 472 5.72 10.15 -29.10
CA VAL B 472 6.68 9.41 -28.29
C VAL B 472 5.90 8.56 -27.27
N GLN B 473 6.15 7.25 -27.20
CA GLN B 473 5.54 6.37 -26.18
C GLN B 473 6.66 5.84 -25.28
N GLU B 474 6.61 6.22 -24.00
CA GLU B 474 7.62 5.77 -23.05
C GLU B 474 6.96 4.87 -21.99
N ARG B 475 7.68 3.86 -21.52
CA ARG B 475 7.14 3.04 -20.46
C ARG B 475 8.24 2.66 -19.47
N THR B 476 7.79 2.31 -18.26
CA THR B 476 8.58 1.46 -17.39
C THR B 476 7.72 0.24 -17.09
N ILE B 477 8.28 -0.96 -17.26
CA ILE B 477 7.54 -2.17 -16.99
C ILE B 477 8.23 -2.93 -15.85
N PHE B 478 7.50 -3.13 -14.74
CA PHE B 478 8.06 -3.73 -13.55
C PHE B 478 7.59 -5.16 -13.42
N PHE B 479 8.47 -6.11 -13.66
CA PHE B 479 8.16 -7.54 -13.52
C PHE B 479 8.24 -7.86 -12.03
N LYS B 480 7.15 -8.34 -11.45
CA LYS B 480 7.11 -8.62 -10.02
C LYS B 480 8.22 -9.62 -9.64
N ASP B 481 9.02 -9.24 -8.64
CA ASP B 481 10.12 -10.06 -8.06
C ASP B 481 11.22 -10.35 -9.09
N ASP B 482 11.34 -9.47 -10.09
CA ASP B 482 12.37 -9.55 -11.10
C ASP B 482 12.73 -8.11 -11.48
N GLY B 483 13.36 -7.94 -12.65
CA GLY B 483 13.81 -6.65 -13.08
C GLY B 483 12.74 -5.83 -13.78
N ASN B 484 13.21 -4.75 -14.44
CA ASN B 484 12.35 -3.87 -15.19
C ASN B 484 12.91 -3.54 -16.59
N TYR B 485 11.96 -3.28 -17.51
CA TYR B 485 12.24 -2.71 -18.81
C TYR B 485 11.92 -1.20 -18.75
N LYS B 486 12.77 -0.41 -19.39
CA LYS B 486 12.43 0.98 -19.77
C LYS B 486 12.44 1.10 -21.28
N THR B 487 11.49 1.85 -21.83
CA THR B 487 11.13 1.79 -23.26
C THR B 487 10.93 3.22 -23.74
N ARG B 488 11.43 3.55 -24.94
CA ARG B 488 11.13 4.83 -25.56
C ARG B 488 10.92 4.53 -27.03
N ALA B 489 9.77 4.91 -27.57
CA ALA B 489 9.45 4.66 -28.93
C ALA B 489 8.90 5.92 -29.59
N GLU B 490 9.16 6.07 -30.89
CA GLU B 490 8.60 7.10 -31.73
C GLU B 490 7.70 6.37 -32.71
N VAL B 491 6.41 6.74 -32.74
CA VAL B 491 5.44 6.19 -33.64
C VAL B 491 5.02 7.32 -34.57
N LYS B 492 5.27 7.16 -35.88
CA LYS B 492 4.93 8.16 -36.86
C LYS B 492 4.84 7.57 -38.27
N PHE B 493 4.33 8.38 -39.18
CA PHE B 493 4.28 8.07 -40.60
C PHE B 493 5.59 8.48 -41.26
N GLU B 494 6.17 7.57 -42.05
CA GLU B 494 7.14 7.94 -43.13
C GLU B 494 6.51 7.49 -44.44
N GLY B 495 6.12 8.47 -45.28
CA GLY B 495 5.32 8.12 -46.42
C GLY B 495 3.98 7.53 -45.97
N ASP B 496 3.52 6.47 -46.62
CA ASP B 496 2.22 5.87 -46.26
C ASP B 496 2.40 4.66 -45.33
N THR B 497 3.58 4.50 -44.73
CA THR B 497 3.90 3.40 -43.76
C THR B 497 4.01 3.94 -42.32
N LEU B 498 3.30 3.25 -41.40
CA LEU B 498 3.37 3.65 -40.02
C LEU B 498 4.52 2.91 -39.33
N VAL B 499 5.42 3.69 -38.73
CA VAL B 499 6.67 3.16 -38.19
C VAL B 499 6.76 3.32 -36.66
N ASN B 500 7.01 2.21 -35.97
CA ASN B 500 7.29 2.18 -34.53
C ASN B 500 8.77 1.86 -34.29
N ARG B 501 9.55 2.83 -33.80
CA ARG B 501 10.99 2.64 -33.51
C ARG B 501 11.25 2.77 -32.01
N ILE B 502 11.91 1.77 -31.42
CA ILE B 502 11.99 1.59 -29.98
C ILE B 502 13.44 1.35 -29.52
N GLU B 503 13.82 1.99 -28.44
CA GLU B 503 14.99 1.49 -27.61
C GLU B 503 14.41 0.93 -26.29
N LEU B 504 14.91 -0.25 -25.91
CA LEU B 504 14.50 -0.88 -24.67
C LEU B 504 15.74 -1.17 -23.83
N LYS B 505 15.69 -0.80 -22.55
CA LYS B 505 16.79 -1.09 -21.62
C LYS B 505 16.24 -1.91 -20.44
N GLY B 506 16.76 -3.08 -20.19
CA GLY B 506 16.33 -3.91 -19.05
C GLY B 506 17.45 -4.09 -18.04
N ILE B 507 17.15 -3.95 -16.75
CA ILE B 507 18.16 -4.16 -15.68
C ILE B 507 17.59 -4.98 -14.52
N ASP B 508 18.49 -5.53 -13.70
CA ASP B 508 18.30 -6.22 -12.44
C ASP B 508 17.45 -7.48 -12.59
N PHE B 509 17.52 -8.14 -13.74
CA PHE B 509 16.81 -9.40 -13.89
C PHE B 509 17.64 -10.51 -13.27
N LYS B 510 16.97 -11.57 -12.85
CA LYS B 510 17.56 -12.77 -12.32
C LYS B 510 17.90 -13.70 -13.47
N GLU B 511 19.12 -14.23 -13.50
CA GLU B 511 19.57 -15.03 -14.66
C GLU B 511 18.73 -16.30 -14.76
N ASP B 512 18.17 -16.81 -13.66
CA ASP B 512 17.23 -17.93 -13.78
C ASP B 512 15.84 -17.61 -13.21
N GLY B 513 15.38 -16.37 -13.37
CA GLY B 513 13.97 -16.05 -13.12
C GLY B 513 13.12 -16.37 -14.34
N ASN B 514 11.90 -15.90 -14.37
CA ASN B 514 10.98 -16.35 -15.39
C ASN B 514 11.28 -15.68 -16.73
N ILE B 515 11.98 -14.55 -16.73
CA ILE B 515 12.29 -13.83 -17.96
C ILE B 515 13.58 -14.39 -18.58
N LEU B 516 14.73 -14.23 -17.94
CA LEU B 516 15.97 -14.67 -18.57
C LEU B 516 16.10 -16.20 -18.63
N GLY B 517 15.34 -16.92 -17.77
CA GLY B 517 15.30 -18.35 -17.79
C GLY B 517 14.20 -18.92 -18.69
N HIS B 518 13.45 -18.06 -19.39
CA HIS B 518 12.45 -18.53 -20.38
C HIS B 518 11.42 -19.46 -19.79
N LYS B 519 10.68 -18.98 -18.79
CA LYS B 519 9.71 -19.80 -18.11
C LYS B 519 8.30 -19.28 -18.36
N LEU B 520 8.05 -18.58 -19.48
CA LEU B 520 6.74 -18.02 -19.80
C LEU B 520 6.16 -18.70 -21.04
N GLU B 521 4.86 -18.98 -21.00
CA GLU B 521 4.21 -19.65 -22.04
C GLU B 521 4.13 -18.74 -23.25
N TYR B 522 3.94 -19.33 -24.42
CA TYR B 522 3.84 -18.61 -25.63
C TYR B 522 2.36 -18.38 -25.98
N ASN B 523 1.75 -17.44 -25.28
CA ASN B 523 0.35 -16.99 -25.40
C ASN B 523 0.22 -15.66 -24.63
N TYR B 524 -0.98 -15.09 -24.65
CA TYR B 524 -1.27 -13.83 -24.09
C TYR B 524 -2.74 -13.70 -23.65
N ASN B 525 -2.91 -13.02 -22.52
CA ASN B 525 -4.18 -12.73 -21.94
C ASN B 525 -4.75 -11.41 -22.46
N SER B 526 -6.05 -11.23 -22.15
CA SER B 526 -6.75 -9.99 -22.43
C SER B 526 -6.53 -9.06 -21.23
N HIS B 527 -6.51 -7.76 -21.56
CA HIS B 527 -6.23 -6.74 -20.62
C HIS B 527 -6.96 -5.47 -20.99
N ASN B 528 -7.12 -4.61 -19.98
CA ASN B 528 -7.62 -3.31 -20.22
C ASN B 528 -6.53 -2.31 -19.92
N VAL B 529 -6.35 -1.38 -20.86
CA VAL B 529 -5.39 -0.30 -20.67
C VAL B 529 -6.21 0.95 -20.35
N TYR B 530 -6.18 1.37 -19.10
CA TYR B 530 -6.88 2.57 -18.66
C TYR B 530 -6.09 3.85 -19.01
N ILE B 531 -6.72 4.72 -19.82
CA ILE B 531 -6.06 5.92 -20.28
C ILE B 531 -6.59 7.18 -19.56
N THR B 532 -5.69 8.08 -19.13
CA THR B 532 -6.08 9.39 -18.64
C THR B 532 -5.31 10.46 -19.37
N ALA B 533 -5.84 11.67 -19.37
CA ALA B 533 -5.18 12.84 -20.00
C ALA B 533 -4.01 13.27 -19.12
N ASP B 534 -2.97 13.81 -19.76
CA ASP B 534 -1.86 14.47 -19.12
C ASP B 534 -1.70 15.86 -19.73
N LYS B 535 -2.50 16.81 -19.28
CA LYS B 535 -2.61 18.11 -19.89
C LYS B 535 -1.26 18.84 -19.89
N GLN B 536 -0.41 18.60 -18.87
CA GLN B 536 0.81 19.43 -18.73
C GLN B 536 1.87 19.00 -19.75
N LYS B 537 1.72 17.81 -20.30
CA LYS B 537 2.63 17.30 -21.33
C LYS B 537 1.93 17.24 -22.70
N ASN B 538 0.68 17.70 -22.78
CA ASN B 538 -0.11 17.71 -24.01
C ASN B 538 -0.28 16.28 -24.56
N GLY B 539 -0.60 15.34 -23.66
CA GLY B 539 -0.53 13.97 -23.96
C GLY B 539 -1.44 13.16 -23.08
N ILE B 540 -1.10 11.87 -22.92
CA ILE B 540 -1.87 10.95 -22.12
C ILE B 540 -0.92 10.10 -21.28
N LYS B 541 -1.50 9.34 -20.36
CA LYS B 541 -0.78 8.33 -19.65
C LYS B 541 -1.70 7.17 -19.36
N ALA B 542 -1.12 6.08 -18.93
CA ALA B 542 -1.83 4.90 -18.65
C ALA B 542 -1.00 4.08 -17.68
N ASN B 543 -1.68 3.29 -16.86
CA ASN B 543 -1.05 2.24 -16.09
C ASN B 543 -1.98 1.03 -16.03
N PHE B 544 -1.39 -0.15 -16.16
CA PHE B 544 -2.11 -1.40 -16.28
C PHE B 544 -1.18 -2.55 -15.91
N LYS B 545 -1.77 -3.67 -15.49
CA LYS B 545 -1.03 -4.86 -15.18
C LYS B 545 -1.20 -5.86 -16.29
N ILE B 546 -0.10 -6.37 -16.81
CA ILE B 546 -0.07 -7.51 -17.72
C ILE B 546 0.17 -8.78 -16.91
N ARG B 547 -0.63 -9.80 -17.27
CA ARG B 547 -0.63 -11.12 -16.65
C ARG B 547 0.02 -12.09 -17.65
N HIS B 548 1.20 -12.57 -17.30
CA HIS B 548 1.93 -13.55 -18.18
C HIS B 548 1.84 -14.93 -17.52
N ASN B 549 1.30 -15.89 -18.25
CA ASN B 549 1.24 -17.28 -17.73
C ASN B 549 2.66 -17.86 -17.70
N ILE B 550 3.03 -18.39 -16.54
CA ILE B 550 4.25 -19.13 -16.29
C ILE B 550 4.10 -20.59 -16.80
N GLU B 551 5.17 -21.10 -17.45
CA GLU B 551 5.67 -22.51 -17.50
C GLU B 551 6.55 -22.75 -18.75
CA CA C . 10.16 38.57 10.68
CA CA D . 16.52 44.50 19.05
C1 GOL E . 6.75 27.84 -6.31
O1 GOL E . 7.67 28.87 -5.94
C2 GOL E . 7.28 27.12 -7.55
O2 GOL E . 8.69 26.77 -7.42
C3 GOL E . 6.35 25.91 -7.83
O3 GOL E . 7.02 24.65 -7.60
O1 PG4 F . 4.49 38.88 11.78
C1 PG4 F . 3.37 38.23 11.12
C2 PG4 F . 2.79 39.27 10.17
O2 PG4 F . 3.90 40.12 9.79
O4 PG4 G . 5.75 -2.13 -9.02
C7 PG4 G . 5.86 -0.69 -8.89
C8 PG4 G . 7.12 -0.23 -8.12
O5 PG4 G . 7.53 1.09 -8.58
C FMT H . 5.80 20.54 42.44
O1 FMT H . 5.62 21.00 41.31
O2 FMT H . 4.89 19.70 42.96
C FMT I . -2.60 17.60 -11.81
O1 FMT I . -3.79 17.64 -12.16
O2 FMT I . -1.66 18.41 -12.37
CA CA J . -12.38 1.29 -9.51
CA CA K . -20.07 -1.88 -0.82
C1 GOL L . 5.36 6.72 -17.11
O1 GOL L . 4.79 6.93 -15.81
C2 GOL L . 6.88 6.88 -17.09
O2 GOL L . 7.54 6.26 -15.95
C3 GOL L . 7.39 6.26 -18.39
O3 GOL L . 8.66 5.60 -18.18
C1 GOL M . -14.67 1.97 -14.92
O1 GOL M . -15.95 1.76 -14.32
C2 GOL M . -14.84 3.22 -15.78
O2 GOL M . -14.35 4.32 -15.00
C3 GOL M . -14.08 3.03 -17.10
O3 GOL M . -14.21 4.15 -18.00
C FMT N . 13.30 6.12 -29.62
O1 FMT N . 14.10 6.60 -28.77
O2 FMT N . 13.62 5.87 -30.92
C FMT O . -24.82 -32.03 -15.53
O1 FMT O . -24.98 -30.86 -15.22
O2 FMT O . -25.11 -32.40 -16.78
C FMT P . 25.28 -10.64 -26.21
O1 FMT P . 25.16 -9.43 -26.42
O2 FMT P . 24.94 -11.18 -25.01
#